data_7MK8
#
_entry.id   7MK8
#
_cell.length_a   72.290
_cell.length_b   205.120
_cell.length_c   156.550
_cell.angle_alpha   90.000
_cell.angle_beta   90.000
_cell.angle_gamma   90.000
#
_symmetry.space_group_name_H-M   'C 2 2 21'
#
loop_
_entity.id
_entity.type
_entity.pdbx_description
1 polymer 'Isoform 2 of Cytochrome P450 3A7'
2 non-polymer 'PROTOPORPHYRIN IX CONTAINING FE'
3 non-polymer 'SULFATE ION'
4 non-polymer (2S,3S)-1,4-DIMERCAPTOBUTANE-2,3-DIOL
5 water water
#
_entity_poly.entity_id   1
_entity_poly.type   'polypeptide(L)'
_entity_poly.pdbx_seq_one_letter_code
;MDYLYGTRTHGLFKKLGIPGPTPLPFLGNALSFRKGYWTFDMECYKKYGKVWGIYDGQQPMLAITDPDMIKTVLVKECYS
VFTNRRPFGPVGFMKNAISIAEDEEWKRIRSLLSPTFTSGKLKEMVPIIAQYGDVLVRNLRREAETGKPVTLKHVFGAYS
MDVITSTSFGVSIDSLNNPQDPFVENTKKLLRFNPLDPFVLSIKVFPFLTPILEALNITVFPREVISFLTKSVKQIKEGR
LKETQKHRVDFLQLMIDSQNSKDSETHKALSDLELMAQSIIFIFAGYETTSSVLSFIIYELATHPDVQQKVQKEIDTVLP
NKAPPTYDTVLQLEYLDMVVNETLRLFPVAMRLERVCKKDVEINGMFIPKGVVVMIPSYVLHHDPKYWTEPEKFLPERFS
AANADNIDPYIYTPFGSGPRNCIGMRFALVNMKLALVRVLQNFSFKPCKETQIPLKLRFGGLLLTEKPIVLKAESRDETF
VDMEPIHMDFLRSLAFQGPHLCFFWELLCPTIRSRHHHH
;
_entity_poly.pdbx_strand_id   A,B
#
loop_
_chem_comp.id
_chem_comp.type
_chem_comp.name
_chem_comp.formula
DTV non-polymer (2S,3S)-1,4-DIMERCAPTOBUTANE-2,3-DIOL 'C4 H10 O2 S2'
HEM non-polymer 'PROTOPORPHYRIN IX CONTAINING FE' 'C34 H32 Fe N4 O4'
SO4 non-polymer 'SULFATE ION' 'O4 S -2'
#
# COMPACT_ATOMS: atom_id res chain seq x y z
N TYR A 5 52.29 -3.12 35.20
CA TYR A 5 52.13 -3.43 33.80
C TYR A 5 51.30 -2.36 33.08
N GLY A 6 50.26 -1.87 33.74
CA GLY A 6 49.28 -1.00 33.09
C GLY A 6 49.75 0.34 32.56
N THR A 7 51.07 0.56 32.51
CA THR A 7 51.61 1.85 32.07
C THR A 7 52.68 1.78 30.98
N ARG A 8 52.93 0.61 30.38
CA ARG A 8 54.16 0.43 29.61
C ARG A 8 54.19 1.31 28.37
N THR A 9 53.06 1.50 27.70
CA THR A 9 52.99 2.38 26.55
C THR A 9 52.71 3.82 26.92
N HIS A 10 52.28 4.09 28.15
CA HIS A 10 51.73 5.41 28.48
C HIS A 10 52.74 6.54 28.35
N GLY A 11 54.01 6.23 28.07
CA GLY A 11 54.95 7.29 27.79
C GLY A 11 55.12 7.64 26.33
N LEU A 12 54.54 6.82 25.43
CA LEU A 12 54.87 6.91 24.01
C LEU A 12 54.69 8.33 23.47
N PHE A 13 53.50 8.90 23.62
CA PHE A 13 53.24 10.18 22.97
C PHE A 13 54.08 11.28 23.59
N LYS A 14 54.27 11.24 24.91
CA LYS A 14 55.10 12.25 25.56
C LYS A 14 56.53 12.21 25.06
N LYS A 15 57.07 11.00 24.86
CA LYS A 15 58.41 10.86 24.30
C LYS A 15 58.49 11.39 22.88
N LEU A 16 57.42 11.29 22.10
CA LEU A 16 57.45 11.82 20.74
C LEU A 16 57.04 13.29 20.66
N GLY A 17 56.59 13.87 21.76
CA GLY A 17 56.19 15.26 21.70
C GLY A 17 54.83 15.50 21.09
N ILE A 18 53.99 14.48 21.01
CA ILE A 18 52.60 14.70 20.58
C ILE A 18 51.78 15.01 21.81
N PRO A 19 51.06 16.14 21.83
CA PRO A 19 50.20 16.45 22.99
C PRO A 19 49.11 15.40 23.17
N GLY A 20 48.49 15.43 24.35
CA GLY A 20 47.45 14.49 24.69
C GLY A 20 47.10 14.52 26.17
N PRO A 21 45.97 13.92 26.55
CA PRO A 21 45.58 13.92 27.97
C PRO A 21 46.23 12.78 28.73
N THR A 22 46.48 13.03 30.01
CA THR A 22 47.25 12.08 30.80
C THR A 22 46.45 10.79 30.98
N PRO A 23 47.02 9.64 30.68
CA PRO A 23 46.29 8.38 30.84
C PRO A 23 46.35 7.86 32.27
N LEU A 24 45.30 7.10 32.66
CA LEU A 24 45.29 6.35 33.91
C LEU A 24 45.95 4.99 33.70
N PRO A 25 46.50 4.38 34.76
CA PRO A 25 46.97 2.99 34.64
C PRO A 25 45.84 2.05 34.23
N PHE A 26 46.15 1.15 33.30
CA PHE A 26 45.24 0.14 32.76
C PHE A 26 44.14 0.73 31.90
N LEU A 27 43.45 1.76 32.40
CA LEU A 27 42.31 2.30 31.64
C LEU A 27 42.77 3.19 30.50
N GLY A 28 43.95 3.80 30.63
CA GLY A 28 44.35 4.82 29.68
C GLY A 28 43.43 6.01 29.84
N ASN A 29 42.88 6.49 28.72
CA ASN A 29 41.92 7.60 28.72
C ASN A 29 40.48 7.11 28.59
N ALA A 30 40.26 5.79 28.67
CA ALA A 30 38.96 5.21 28.33
C ALA A 30 37.80 5.84 29.11
N LEU A 31 38.01 6.24 30.37
CA LEU A 31 36.87 6.80 31.12
C LEU A 31 36.41 8.12 30.50
N SER A 32 37.31 8.87 29.88
CA SER A 32 36.92 10.10 29.22
C SER A 32 36.07 9.86 27.98
N PHE A 33 36.07 8.65 27.42
CA PHE A 33 35.23 8.39 26.24
C PHE A 33 33.76 8.39 26.60
N ARG A 34 33.43 8.05 27.84
CA ARG A 34 32.06 7.68 28.17
C ARG A 34 31.08 8.82 27.97
N LYS A 35 31.56 10.06 27.90
CA LYS A 35 30.67 11.14 27.52
C LYS A 35 30.39 11.17 26.02
N GLY A 36 30.85 10.18 25.28
CA GLY A 36 30.68 10.21 23.84
C GLY A 36 31.98 10.48 23.09
N TYR A 37 32.23 9.66 22.07
CA TYR A 37 33.41 9.85 21.22
C TYR A 37 33.39 11.22 20.55
N TRP A 38 32.20 11.66 20.08
CA TRP A 38 32.13 12.90 19.31
C TRP A 38 32.51 14.10 20.17
N THR A 39 32.01 14.19 21.41
CA THR A 39 32.41 15.31 22.25
CA THR A 39 32.39 15.30 22.28
C THR A 39 33.85 15.18 22.74
N PHE A 40 34.31 13.96 23.03
CA PHE A 40 35.69 13.81 23.50
C PHE A 40 36.69 14.21 22.41
N ASP A 41 36.48 13.70 21.19
CA ASP A 41 37.36 14.06 20.06
C ASP A 41 37.40 15.57 19.84
N MET A 42 36.23 16.22 19.83
CA MET A 42 36.22 17.67 19.63
CA MET A 42 36.21 17.67 19.63
C MET A 42 36.98 18.39 20.73
N GLU A 43 36.75 18.01 21.99
CA GLU A 43 37.48 18.62 23.09
C GLU A 43 38.98 18.48 22.90
N CYS A 44 39.44 17.29 22.50
CA CYS A 44 40.87 17.13 22.26
C CYS A 44 41.35 18.02 21.13
N TYR A 45 40.58 18.10 20.03
CA TYR A 45 40.96 18.95 18.91
C TYR A 45 41.10 20.40 19.38
N LYS A 46 40.05 20.92 20.04
CA LYS A 46 40.08 22.32 20.46
C LYS A 46 41.30 22.65 21.30
N LYS A 47 41.72 21.74 22.18
CA LYS A 47 42.78 22.13 23.11
C LYS A 47 44.17 21.69 22.67
N TYR A 48 44.32 20.57 21.96
CA TYR A 48 45.65 20.14 21.55
C TYR A 48 46.00 20.52 20.13
N GLY A 49 45.01 20.84 19.29
CA GLY A 49 45.31 21.25 17.93
C GLY A 49 45.21 20.14 16.91
N LYS A 50 46.12 20.16 15.94
CA LYS A 50 45.98 19.37 14.72
C LYS A 50 46.23 17.89 14.91
N VAL A 51 46.94 17.51 15.98
CA VAL A 51 47.30 16.12 16.19
C VAL A 51 47.36 15.87 17.69
N TRP A 52 46.90 14.70 18.12
CA TRP A 52 46.93 14.38 19.54
C TRP A 52 46.90 12.87 19.73
N GLY A 53 47.33 12.45 20.91
CA GLY A 53 47.44 11.05 21.24
C GLY A 53 46.60 10.75 22.46
N ILE A 54 46.03 9.54 22.50
CA ILE A 54 45.19 9.07 23.60
C ILE A 54 45.48 7.60 23.80
N TYR A 55 44.94 7.04 24.88
CA TYR A 55 45.16 5.64 25.19
C TYR A 55 43.82 4.98 25.47
N ASP A 56 43.56 3.86 24.79
CA ASP A 56 42.35 3.08 24.98
C ASP A 56 42.80 1.78 25.65
N GLY A 57 42.92 1.83 26.97
CA GLY A 57 43.60 0.76 27.68
C GLY A 57 45.09 0.92 27.49
N GLN A 58 45.74 -0.11 26.96
CA GLN A 58 47.16 -0.01 26.64
C GLN A 58 47.40 0.43 25.20
N GLN A 59 46.36 0.50 24.37
CA GLN A 59 46.52 0.82 22.95
C GLN A 59 46.63 2.32 22.73
N PRO A 60 47.75 2.82 22.22
CA PRO A 60 47.82 4.25 21.86
C PRO A 60 47.12 4.53 20.53
N MET A 61 46.49 5.70 20.46
CA MET A 61 45.78 6.12 19.25
C MET A 61 46.18 7.55 18.92
N LEU A 62 46.71 7.74 17.71
CA LEU A 62 47.12 9.04 17.22
C LEU A 62 45.98 9.60 16.37
N ALA A 63 45.46 10.75 16.78
CA ALA A 63 44.44 11.46 16.02
C ALA A 63 45.09 12.41 15.02
N ILE A 64 44.62 12.38 13.76
CA ILE A 64 45.14 13.25 12.71
C ILE A 64 44.00 13.99 12.04
N THR A 65 44.24 15.29 11.75
CA THR A 65 43.24 16.13 11.11
C THR A 65 43.71 16.77 9.81
N ASP A 66 44.94 16.55 9.39
CA ASP A 66 45.41 17.22 8.19
C ASP A 66 44.95 16.46 6.95
N PRO A 67 44.25 17.11 6.01
CA PRO A 67 43.69 16.34 4.89
C PRO A 67 44.74 15.69 4.04
N ASP A 68 45.94 16.29 3.92
CA ASP A 68 47.00 15.63 3.16
C ASP A 68 47.49 14.39 3.89
N MET A 69 47.72 14.50 5.21
CA MET A 69 48.08 13.33 5.99
C MET A 69 46.98 12.27 5.96
N ILE A 70 45.72 12.69 5.94
CA ILE A 70 44.64 11.70 5.92
C ILE A 70 44.63 10.94 4.59
N LYS A 71 44.81 11.65 3.48
CA LYS A 71 44.91 10.98 2.19
C LYS A 71 46.07 9.99 2.17
N THR A 72 47.20 10.37 2.79
CA THR A 72 48.34 9.45 2.83
C THR A 72 48.01 8.18 3.60
N VAL A 73 47.37 8.32 4.77
CA VAL A 73 46.97 7.14 5.54
C VAL A 73 45.89 6.35 4.80
N LEU A 74 44.81 7.02 4.38
CA LEU A 74 43.66 6.28 3.87
C LEU A 74 43.86 5.71 2.47
N VAL A 75 44.80 6.25 1.69
CA VAL A 75 44.89 5.93 0.26
C VAL A 75 46.29 5.46 -0.12
N LYS A 76 47.25 6.38 -0.11
CA LYS A 76 48.56 6.07 -0.66
C LYS A 76 49.22 4.91 0.07
N GLU A 77 49.20 4.93 1.40
CA GLU A 77 49.91 3.92 2.18
C GLU A 77 48.97 2.86 2.76
N CYS A 78 47.81 2.65 2.11
CA CYS A 78 46.80 1.75 2.66
C CYS A 78 47.29 0.30 2.68
N TYR A 79 47.72 -0.22 1.53
CA TYR A 79 48.15 -1.62 1.48
C TYR A 79 49.48 -1.84 2.18
N SER A 80 50.33 -0.81 2.23
CA SER A 80 51.69 -1.03 2.70
C SER A 80 51.83 -0.86 4.20
N VAL A 81 51.18 0.15 4.77
CA VAL A 81 51.39 0.53 6.17
C VAL A 81 50.09 0.50 6.98
N PHE A 82 48.99 1.02 6.42
CA PHE A 82 47.76 1.20 7.19
C PHE A 82 46.63 0.32 6.65
N THR A 83 46.82 -1.00 6.68
CA THR A 83 45.93 -1.91 5.96
C THR A 83 44.76 -2.40 6.79
N ASN A 84 44.86 -2.43 8.12
CA ASN A 84 43.88 -3.15 8.91
C ASN A 84 43.30 -2.26 9.99
N ARG A 85 42.05 -2.57 10.35
CA ARG A 85 41.35 -2.00 11.50
C ARG A 85 41.82 -2.70 12.77
N ARG A 86 41.54 -2.17 13.99
CA ARG A 86 41.93 -2.69 15.29
C ARG A 86 41.13 -3.96 15.61
N PRO A 87 41.77 -5.04 16.06
CA PRO A 87 41.02 -6.24 16.49
C PRO A 87 40.27 -6.01 17.80
N PHE A 88 39.43 -6.98 18.20
CA PHE A 88 38.50 -6.66 19.33
C PHE A 88 38.05 -7.66 20.32
N GLY A 89 38.52 -8.90 20.44
CA GLY A 89 39.52 -9.62 19.70
C GLY A 89 39.23 -11.03 19.22
N PRO A 90 38.98 -11.95 20.17
CA PRO A 90 38.81 -13.37 19.79
C PRO A 90 37.60 -13.58 18.90
N VAL A 91 37.84 -13.98 17.66
CA VAL A 91 36.78 -14.34 16.73
C VAL A 91 37.10 -15.72 16.21
N GLY A 92 36.20 -16.27 15.42
CA GLY A 92 36.43 -17.60 14.91
C GLY A 92 36.47 -17.57 13.41
N PHE A 93 35.56 -18.30 12.78
CA PHE A 93 35.44 -18.25 11.34
C PHE A 93 35.11 -16.84 10.84
N MET A 94 34.61 -15.96 11.72
CA MET A 94 34.36 -14.59 11.31
C MET A 94 35.64 -13.81 11.04
N LYS A 95 36.80 -14.45 11.19
CA LYS A 95 38.05 -13.88 10.66
C LYS A 95 37.96 -13.61 9.16
N ASN A 96 37.08 -14.29 8.45
CA ASN A 96 36.95 -14.13 6.99
C ASN A 96 36.07 -12.97 6.61
N ALA A 97 35.29 -12.43 7.53
CA ALA A 97 34.45 -11.29 7.22
C ALA A 97 35.33 -10.15 6.71
N ILE A 98 34.88 -9.55 5.61
CA ILE A 98 35.71 -8.57 4.89
C ILE A 98 36.21 -7.47 5.81
N SER A 99 35.38 -7.05 6.76
CA SER A 99 35.81 -5.97 7.65
C SER A 99 36.73 -6.44 8.78
N ILE A 100 36.94 -7.75 8.96
CA ILE A 100 37.76 -8.26 10.05
C ILE A 100 39.06 -8.80 9.48
N ALA A 101 39.01 -9.27 8.25
CA ALA A 101 40.17 -9.83 7.58
C ALA A 101 41.28 -8.77 7.45
N GLU A 102 42.52 -9.24 7.31
CA GLU A 102 43.69 -8.39 7.34
C GLU A 102 44.60 -8.69 6.17
N ASP A 103 45.38 -7.70 5.75
CA ASP A 103 46.54 -7.88 4.84
C ASP A 103 46.08 -8.61 3.58
N GLU A 104 46.80 -9.63 3.12
CA GLU A 104 46.51 -10.27 1.83
CA GLU A 104 46.48 -10.23 1.83
C GLU A 104 45.14 -10.94 1.83
N GLU A 105 44.69 -11.43 2.98
CA GLU A 105 43.38 -12.09 3.03
C GLU A 105 42.26 -11.11 2.75
N TRP A 106 42.32 -9.92 3.35
CA TRP A 106 41.32 -8.89 3.09
C TRP A 106 41.29 -8.51 1.61
N LYS A 107 42.47 -8.33 1.02
CA LYS A 107 42.57 -7.93 -0.38
C LYS A 107 41.88 -8.95 -1.29
N ARG A 108 42.10 -10.24 -1.03
CA ARG A 108 41.41 -11.27 -1.81
C ARG A 108 39.89 -11.17 -1.63
N ILE A 109 39.43 -10.94 -0.40
CA ILE A 109 37.99 -10.94 -0.15
C ILE A 109 37.34 -9.68 -0.70
N ARG A 110 37.96 -8.52 -0.53
CA ARG A 110 37.43 -7.31 -1.14
C ARG A 110 37.37 -7.44 -2.65
N SER A 111 38.34 -8.16 -3.24
CA SER A 111 38.36 -8.36 -4.68
C SER A 111 37.22 -9.27 -5.11
N LEU A 112 37.06 -10.40 -4.41
CA LEU A 112 35.96 -11.30 -4.71
C LEU A 112 34.61 -10.61 -4.59
N LEU A 113 34.50 -9.62 -3.71
CA LEU A 113 33.20 -9.01 -3.44
C LEU A 113 32.91 -7.82 -4.35
N SER A 114 33.94 -7.13 -4.85
CA SER A 114 33.72 -5.99 -5.74
C SER A 114 32.71 -6.26 -6.86
N PRO A 115 32.70 -7.42 -7.54
CA PRO A 115 31.64 -7.64 -8.54
C PRO A 115 30.26 -7.53 -7.96
N THR A 116 30.06 -8.01 -6.72
CA THR A 116 28.74 -8.01 -6.11
C THR A 116 28.21 -6.61 -5.84
N PHE A 117 29.07 -5.60 -5.75
CA PHE A 117 28.66 -4.26 -5.32
C PHE A 117 28.64 -3.21 -6.42
N THR A 118 28.87 -3.58 -7.68
CA THR A 118 28.84 -2.59 -8.76
C THR A 118 27.48 -1.94 -8.86
N SER A 119 27.47 -0.70 -9.38
CA SER A 119 26.20 -0.01 -9.58
C SER A 119 25.27 -0.79 -10.51
N GLY A 120 25.85 -1.56 -11.43
CA GLY A 120 25.01 -2.34 -12.34
C GLY A 120 24.21 -3.41 -11.62
N LYS A 121 24.88 -4.17 -10.75
CA LYS A 121 24.17 -5.17 -9.94
C LYS A 121 23.24 -4.51 -8.93
N LEU A 122 23.59 -3.32 -8.45
CA LEU A 122 22.67 -2.57 -7.60
C LEU A 122 21.37 -2.26 -8.33
N LYS A 123 21.47 -1.72 -9.55
CA LYS A 123 20.28 -1.42 -10.34
C LYS A 123 19.41 -2.65 -10.54
N GLU A 124 20.03 -3.81 -10.80
CA GLU A 124 19.30 -5.06 -10.88
C GLU A 124 18.67 -5.46 -9.54
N MET A 125 19.20 -4.97 -8.43
CA MET A 125 18.71 -5.40 -7.13
C MET A 125 17.52 -4.59 -6.64
N VAL A 126 17.31 -3.40 -7.22
CA VAL A 126 16.30 -2.47 -6.68
C VAL A 126 14.88 -3.03 -6.72
N PRO A 127 14.41 -3.62 -7.84
CA PRO A 127 13.00 -4.06 -7.86
C PRO A 127 12.61 -5.01 -6.73
N ILE A 128 13.53 -5.86 -6.27
CA ILE A 128 13.26 -6.74 -5.14
C ILE A 128 13.24 -5.99 -3.82
N ILE A 129 13.90 -4.84 -3.76
CA ILE A 129 14.05 -4.09 -2.51
C ILE A 129 13.00 -3.00 -2.37
N ALA A 130 12.44 -2.52 -3.49
CA ALA A 130 11.33 -1.57 -3.40
C ALA A 130 10.16 -2.17 -2.64
N GLN A 131 9.99 -3.50 -2.70
CA GLN A 131 8.93 -4.16 -1.96
C GLN A 131 8.93 -3.81 -0.47
N TYR A 132 10.12 -3.71 0.14
CA TYR A 132 10.20 -3.45 1.58
C TYR A 132 9.77 -2.04 1.92
N GLY A 133 9.83 -1.12 0.97
CA GLY A 133 9.28 0.22 1.20
C GLY A 133 7.77 0.21 1.38
N ASP A 134 7.08 -0.77 0.78
CA ASP A 134 5.63 -0.88 0.98
C ASP A 134 5.31 -1.31 2.40
N VAL A 135 6.12 -2.22 2.96
CA VAL A 135 5.92 -2.62 4.35
C VAL A 135 6.17 -1.44 5.28
N LEU A 136 7.19 -0.62 4.98
CA LEU A 136 7.47 0.57 5.78
C LEU A 136 6.27 1.51 5.79
N VAL A 137 5.68 1.77 4.61
CA VAL A 137 4.49 2.63 4.59
C VAL A 137 3.36 1.99 5.40
N ARG A 138 3.15 0.68 5.22
CA ARG A 138 2.13 0.00 6.03
C ARG A 138 2.41 0.17 7.53
N ASN A 139 3.68 -0.04 7.93
CA ASN A 139 4.02 0.04 9.36
C ASN A 139 3.86 1.46 9.88
N LEU A 140 4.37 2.44 9.13
CA LEU A 140 4.24 3.83 9.55
C LEU A 140 2.77 4.25 9.61
N ARG A 141 1.97 3.89 8.60
CA ARG A 141 0.56 4.28 8.61
C ARG A 141 -0.15 3.74 9.84
N ARG A 142 0.10 2.47 10.18
CA ARG A 142 -0.51 1.88 11.38
C ARG A 142 -0.12 2.61 12.64
N GLU A 143 1.11 3.13 12.71
CA GLU A 143 1.55 3.82 13.93
C GLU A 143 1.05 5.26 13.96
N ALA A 144 0.94 5.90 12.80
CA ALA A 144 0.67 7.34 12.72
C ALA A 144 -0.81 7.68 12.70
N GLU A 145 -1.68 6.74 12.30
CA GLU A 145 -3.08 7.10 12.13
C GLU A 145 -3.76 7.38 13.47
N THR A 146 -3.42 6.62 14.50
CA THR A 146 -4.00 6.83 15.83
C THR A 146 -3.80 8.26 16.38
N GLY A 147 -3.10 9.12 15.64
CA GLY A 147 -2.76 10.45 16.08
C GLY A 147 -1.50 10.49 16.92
N LYS A 148 -0.95 9.34 17.34
CA LYS A 148 0.11 9.31 18.33
C LYS A 148 1.45 9.73 17.72
N PRO A 149 2.36 10.25 18.54
CA PRO A 149 3.72 10.49 18.06
C PRO A 149 4.41 9.17 17.76
N VAL A 150 5.11 9.12 16.62
CA VAL A 150 5.75 7.91 16.13
C VAL A 150 7.22 7.89 16.57
N THR A 151 7.68 6.73 17.04
CA THR A 151 9.08 6.51 17.37
C THR A 151 9.80 6.04 16.11
N LEU A 152 10.63 6.91 15.54
CA LEU A 152 11.17 6.64 14.21
C LEU A 152 11.94 5.32 14.18
N LYS A 153 12.66 5.01 15.25
CA LYS A 153 13.45 3.78 15.26
C LYS A 153 12.59 2.55 14.97
N HIS A 154 11.35 2.53 15.46
CA HIS A 154 10.53 1.33 15.34
C HIS A 154 10.33 0.94 13.89
N VAL A 155 9.95 1.88 13.04
CA VAL A 155 9.67 1.54 11.64
C VAL A 155 10.94 1.63 10.78
N PHE A 156 11.78 2.65 10.98
CA PHE A 156 12.99 2.73 10.16
C PHE A 156 13.96 1.61 10.49
N GLY A 157 14.05 1.23 11.76
CA GLY A 157 14.83 0.06 12.12
C GLY A 157 14.34 -1.22 11.46
N ALA A 158 13.01 -1.43 11.48
CA ALA A 158 12.42 -2.60 10.83
C ALA A 158 12.73 -2.61 9.34
N TYR A 159 12.58 -1.46 8.68
CA TYR A 159 12.97 -1.37 7.29
C TYR A 159 14.43 -1.73 7.09
N SER A 160 15.31 -1.17 7.93
CA SER A 160 16.73 -1.44 7.76
C SER A 160 17.04 -2.92 7.94
N MET A 161 16.49 -3.53 9.00
CA MET A 161 16.77 -4.94 9.23
C MET A 161 16.12 -5.82 8.17
N ASP A 162 14.91 -5.47 7.72
CA ASP A 162 14.23 -6.29 6.72
C ASP A 162 15.02 -6.30 5.41
N VAL A 163 15.44 -5.11 4.95
CA VAL A 163 16.14 -5.03 3.67
C VAL A 163 17.47 -5.77 3.69
N ILE A 164 18.28 -5.53 4.73
CA ILE A 164 19.65 -6.06 4.72
C ILE A 164 19.66 -7.56 5.02
N THR A 165 18.85 -8.00 5.97
CA THR A 165 18.72 -9.44 6.23
C THR A 165 18.19 -10.20 5.01
N SER A 166 17.18 -9.65 4.33
CA SER A 166 16.60 -10.31 3.17
C SER A 166 17.61 -10.49 2.04
N THR A 167 18.33 -9.42 1.68
CA THR A 167 19.30 -9.52 0.59
CA THR A 167 19.27 -9.57 0.58
C THR A 167 20.54 -10.32 1.00
N SER A 168 20.96 -10.19 2.27
CA SER A 168 22.17 -10.90 2.69
C SER A 168 21.92 -12.40 2.83
N PHE A 169 20.76 -12.80 3.37
CA PHE A 169 20.43 -14.19 3.64
C PHE A 169 19.56 -14.83 2.55
N GLY A 170 19.02 -14.04 1.63
CA GLY A 170 18.24 -14.60 0.55
C GLY A 170 16.83 -14.99 0.94
N VAL A 171 16.24 -14.29 1.91
CA VAL A 171 14.97 -14.66 2.52
C VAL A 171 14.18 -13.38 2.73
N SER A 172 13.06 -13.23 2.05
CA SER A 172 12.18 -12.12 2.36
C SER A 172 11.66 -12.25 3.78
N ILE A 173 11.76 -11.18 4.56
CA ILE A 173 11.30 -11.19 5.94
C ILE A 173 10.55 -9.88 6.22
N ASP A 174 9.73 -9.93 7.26
CA ASP A 174 8.85 -8.83 7.66
C ASP A 174 8.88 -8.88 9.19
N SER A 175 9.75 -8.08 9.79
CA SER A 175 10.01 -8.19 11.22
CA SER A 175 10.00 -8.20 11.21
C SER A 175 8.81 -7.72 12.03
N LEU A 176 8.15 -6.64 11.60
CA LEU A 176 7.04 -6.14 12.40
C LEU A 176 5.77 -6.96 12.19
N ASN A 177 5.36 -7.18 10.94
CA ASN A 177 4.09 -7.84 10.67
C ASN A 177 4.18 -9.36 10.70
N ASN A 178 5.36 -9.91 10.96
CA ASN A 178 5.53 -11.35 11.13
C ASN A 178 6.68 -11.61 12.10
N PRO A 179 6.59 -11.17 13.35
CA PRO A 179 7.75 -11.22 14.25
C PRO A 179 8.15 -12.63 14.67
N GLN A 180 7.26 -13.60 14.47
CA GLN A 180 7.50 -14.99 14.84
C GLN A 180 8.35 -15.74 13.83
N ASP A 181 8.67 -15.12 12.71
CA ASP A 181 9.61 -15.71 11.75
C ASP A 181 10.92 -16.04 12.48
N PRO A 182 11.39 -17.29 12.45
CA PRO A 182 12.67 -17.60 13.11
C PRO A 182 13.79 -16.67 12.70
N PHE A 183 13.84 -16.33 11.40
CA PHE A 183 14.89 -15.46 10.91
C PHE A 183 14.86 -14.11 11.61
N VAL A 184 13.65 -13.56 11.82
CA VAL A 184 13.54 -12.29 12.54
C VAL A 184 14.06 -12.42 13.96
N GLU A 185 13.60 -13.45 14.69
CA GLU A 185 13.99 -13.61 16.08
C GLU A 185 15.48 -13.85 16.21
N ASN A 186 16.04 -14.64 15.30
CA ASN A 186 17.47 -14.96 15.36
C ASN A 186 18.34 -13.79 14.90
N THR A 187 17.98 -13.14 13.79
CA THR A 187 18.72 -11.97 13.36
C THR A 187 18.67 -10.88 14.41
N LYS A 188 17.51 -10.70 15.04
CA LYS A 188 17.41 -9.77 16.16
C LYS A 188 18.45 -10.11 17.22
N LYS A 189 18.49 -11.40 17.62
CA LYS A 189 19.45 -11.87 18.59
C LYS A 189 20.87 -11.58 18.14
N LEU A 190 21.22 -11.99 16.91
CA LEU A 190 22.52 -11.68 16.34
C LEU A 190 22.91 -10.24 16.59
N LEU A 191 22.00 -9.32 16.28
CA LEU A 191 22.26 -7.89 16.36
C LEU A 191 22.41 -7.37 17.79
N ARG A 192 22.07 -8.18 18.79
CA ARG A 192 22.34 -7.79 20.18
C ARG A 192 23.84 -7.65 20.44
N PHE A 193 24.70 -8.32 19.66
CA PHE A 193 26.14 -8.19 19.83
C PHE A 193 26.59 -6.78 19.46
N ASN A 194 27.07 -6.04 20.46
CA ASN A 194 27.59 -4.70 20.31
C ASN A 194 29.09 -4.68 20.59
N PRO A 195 29.85 -3.83 19.91
CA PRO A 195 31.28 -3.73 20.22
C PRO A 195 31.54 -3.05 21.57
N LEU A 196 30.49 -2.84 22.37
CA LEU A 196 30.61 -2.19 23.67
C LEU A 196 30.07 -3.04 24.80
N ASP A 197 29.98 -4.36 24.60
CA ASP A 197 29.63 -5.24 25.71
C ASP A 197 30.86 -5.44 26.61
N PRO A 198 30.64 -5.79 27.90
CA PRO A 198 31.76 -5.82 28.84
C PRO A 198 32.85 -6.82 28.50
N PHE A 199 32.61 -7.72 27.55
CA PHE A 199 33.65 -8.61 27.08
C PHE A 199 34.68 -7.85 26.24
N VAL A 200 34.19 -7.09 25.26
CA VAL A 200 35.07 -6.31 24.39
C VAL A 200 35.82 -5.25 25.21
N LEU A 201 35.09 -4.56 26.09
CA LEU A 201 35.70 -3.51 26.89
C LEU A 201 36.67 -4.05 27.95
N SER A 202 36.69 -5.36 28.19
CA SER A 202 37.73 -5.98 29.02
C SER A 202 38.92 -6.42 28.18
N ILE A 203 38.67 -6.96 26.99
CA ILE A 203 39.76 -7.34 26.10
C ILE A 203 40.67 -6.15 25.81
N LYS A 204 40.12 -4.94 25.78
CA LYS A 204 40.93 -3.76 25.51
C LYS A 204 41.92 -3.49 26.64
N VAL A 205 41.58 -3.89 27.85
CA VAL A 205 42.42 -3.61 29.01
C VAL A 205 43.51 -4.66 29.21
N PHE A 206 43.28 -5.90 28.80
CA PHE A 206 44.34 -6.90 28.69
C PHE A 206 44.21 -7.69 27.41
N PRO A 207 44.68 -7.12 26.29
CA PRO A 207 44.54 -7.80 24.99
C PRO A 207 45.35 -9.08 24.87
N PHE A 208 46.14 -9.45 25.87
CA PHE A 208 46.93 -10.67 25.82
C PHE A 208 46.11 -11.92 26.09
N LEU A 209 44.82 -11.75 26.34
CA LEU A 209 43.95 -12.90 26.53
C LEU A 209 43.51 -13.53 25.21
N THR A 210 43.40 -12.73 24.15
CA THR A 210 42.88 -13.24 22.87
C THR A 210 43.55 -14.53 22.40
N PRO A 211 44.90 -14.67 22.43
CA PRO A 211 45.49 -15.95 22.03
C PRO A 211 44.96 -17.14 22.84
N ILE A 212 44.80 -16.99 24.14
CA ILE A 212 44.28 -18.09 24.94
C ILE A 212 42.86 -18.39 24.54
N LEU A 213 42.03 -17.34 24.47
CA LEU A 213 40.63 -17.51 24.11
C LEU A 213 40.49 -18.19 22.77
N GLU A 214 41.34 -17.83 21.81
CA GLU A 214 41.23 -18.46 20.50
C GLU A 214 41.71 -19.90 20.54
N ALA A 215 42.71 -20.19 21.36
CA ALA A 215 43.11 -21.57 21.58
C ALA A 215 41.97 -22.43 22.09
N LEU A 216 40.94 -21.84 22.70
CA LEU A 216 39.82 -22.59 23.24
C LEU A 216 38.56 -22.46 22.39
N ASN A 217 38.69 -21.95 21.16
CA ASN A 217 37.57 -21.74 20.23
C ASN A 217 36.48 -20.86 20.82
N ILE A 218 36.86 -19.87 21.60
CA ILE A 218 35.90 -18.91 22.14
C ILE A 218 35.82 -17.74 21.19
N THR A 219 34.60 -17.30 20.88
CA THR A 219 34.42 -16.14 20.01
C THR A 219 33.58 -15.09 20.72
N VAL A 220 33.82 -13.83 20.36
CA VAL A 220 33.01 -12.73 20.88
C VAL A 220 31.65 -12.66 20.21
N PHE A 221 31.44 -13.42 19.16
CA PHE A 221 30.21 -13.49 18.37
C PHE A 221 29.23 -14.51 18.94
N PRO A 222 27.90 -14.28 18.80
CA PRO A 222 26.92 -15.26 19.32
C PRO A 222 26.99 -16.59 18.59
N ARG A 223 27.71 -17.55 19.19
CA ARG A 223 28.03 -18.80 18.50
C ARG A 223 26.77 -19.56 18.11
N GLU A 224 25.81 -19.66 19.04
CA GLU A 224 24.59 -20.42 18.77
C GLU A 224 23.74 -19.74 17.69
N VAL A 225 23.54 -18.43 17.81
CA VAL A 225 22.70 -17.71 16.85
C VAL A 225 23.29 -17.86 15.44
N ILE A 226 24.63 -17.82 15.31
CA ILE A 226 25.24 -17.99 13.99
C ILE A 226 25.13 -19.44 13.53
N SER A 227 25.29 -20.41 14.46
CA SER A 227 25.14 -21.82 14.13
C SER A 227 23.80 -22.09 13.45
N PHE A 228 22.72 -21.51 13.98
CA PHE A 228 21.40 -21.72 13.38
C PHE A 228 21.28 -21.04 12.03
N LEU A 229 21.72 -19.78 11.95
CA LEU A 229 21.61 -19.03 10.70
C LEU A 229 22.38 -19.71 9.58
N THR A 230 23.59 -20.21 9.87
CA THR A 230 24.34 -20.96 8.86
C THR A 230 23.57 -22.22 8.46
N LYS A 231 23.15 -23.01 9.45
CA LYS A 231 22.47 -24.26 9.14
C LYS A 231 21.17 -24.04 8.37
N SER A 232 20.61 -22.82 8.42
CA SER A 232 19.38 -22.50 7.69
C SER A 232 19.66 -21.98 6.28
N VAL A 233 20.69 -21.15 6.13
CA VAL A 233 21.10 -20.68 4.81
C VAL A 233 21.65 -21.82 3.96
N LYS A 234 22.21 -22.86 4.61
CA LYS A 234 22.61 -24.04 3.86
C LYS A 234 21.43 -24.63 3.10
N GLN A 235 20.25 -24.68 3.73
CA GLN A 235 19.09 -25.29 3.07
C GLN A 235 18.60 -24.42 1.92
N ILE A 236 18.66 -23.11 2.07
CA ILE A 236 18.24 -22.20 1.00
C ILE A 236 19.14 -22.37 -0.22
N LYS A 237 20.46 -22.47 0.00
CA LYS A 237 21.38 -22.65 -1.12
C LYS A 237 21.12 -23.95 -1.86
N GLU A 238 20.84 -25.03 -1.14
CA GLU A 238 20.61 -26.32 -1.78
C GLU A 238 19.25 -26.37 -2.46
N GLY A 239 18.27 -25.62 -1.98
CA GLY A 239 16.99 -25.56 -2.65
C GLY A 239 16.99 -24.67 -3.87
N ARG A 240 17.80 -23.61 -3.84
CA ARG A 240 17.78 -22.60 -4.90
C ARG A 240 18.33 -23.13 -6.22
N LEU A 241 19.13 -24.19 -6.19
CA LEU A 241 19.66 -24.79 -7.41
C LEU A 241 18.69 -25.77 -8.06
N LYS A 242 17.37 -25.66 -7.71
CA LYS A 242 16.33 -26.48 -8.34
C LYS A 242 15.18 -25.61 -8.84
N VAL A 249 18.28 -11.90 -7.33
CA VAL A 249 19.40 -11.00 -7.56
C VAL A 249 19.83 -10.33 -6.26
N ASP A 250 19.80 -11.07 -5.16
CA ASP A 250 20.24 -10.53 -3.88
C ASP A 250 21.72 -10.84 -3.66
N PHE A 251 22.27 -10.31 -2.57
CA PHE A 251 23.70 -10.50 -2.30
C PHE A 251 24.06 -11.99 -2.21
N LEU A 252 23.16 -12.82 -1.68
CA LEU A 252 23.45 -14.25 -1.57
C LEU A 252 23.64 -14.88 -2.94
N GLN A 253 22.74 -14.56 -3.88
CA GLN A 253 22.86 -15.11 -5.23
C GLN A 253 24.11 -14.60 -5.93
N LEU A 254 24.37 -13.30 -5.82
CA LEU A 254 25.56 -12.72 -6.45
C LEU A 254 26.84 -13.39 -5.97
N MET A 255 26.94 -13.66 -4.67
CA MET A 255 28.12 -14.35 -4.15
C MET A 255 28.15 -15.81 -4.58
N ILE A 256 27.00 -16.49 -4.55
CA ILE A 256 26.92 -17.84 -5.10
C ILE A 256 27.43 -17.88 -6.53
N ASP A 257 27.02 -16.91 -7.35
CA ASP A 257 27.45 -16.89 -8.74
C ASP A 257 28.95 -16.72 -8.87
N SER A 258 29.57 -15.97 -7.96
CA SER A 258 31.00 -15.72 -8.04
C SER A 258 31.84 -16.91 -7.63
N GLN A 259 31.22 -18.01 -7.20
CA GLN A 259 31.98 -19.19 -6.81
C GLN A 259 32.46 -20.01 -8.00
N ASN A 260 32.28 -19.49 -9.21
CA ASN A 260 32.74 -20.18 -10.43
C ASN A 260 32.82 -19.15 -11.54
N THR A 266 42.08 -14.81 -10.83
CA THR A 266 43.29 -14.60 -10.04
C THR A 266 43.16 -15.14 -8.62
N HIS A 267 42.11 -14.76 -7.90
CA HIS A 267 41.86 -15.27 -6.55
C HIS A 267 40.99 -16.51 -6.60
N LYS A 268 41.28 -17.45 -5.70
CA LYS A 268 40.37 -18.56 -5.49
C LYS A 268 39.02 -18.04 -5.02
N ALA A 269 37.96 -18.59 -5.60
CA ALA A 269 36.62 -18.10 -5.31
C ALA A 269 36.26 -18.30 -3.83
N LEU A 270 35.15 -17.69 -3.44
CA LEU A 270 34.72 -17.73 -2.05
C LEU A 270 34.39 -19.17 -1.65
N SER A 271 34.85 -19.55 -0.45
CA SER A 271 34.40 -20.81 0.12
C SER A 271 32.99 -20.64 0.67
N ASP A 272 32.32 -21.77 0.91
CA ASP A 272 31.00 -21.71 1.52
C ASP A 272 31.05 -21.03 2.88
N LEU A 273 32.13 -21.29 3.64
CA LEU A 273 32.30 -20.64 4.93
C LEU A 273 32.58 -19.14 4.77
N GLU A 274 33.42 -18.78 3.80
CA GLU A 274 33.72 -17.36 3.61
C GLU A 274 32.48 -16.59 3.21
N LEU A 275 31.62 -17.19 2.39
CA LEU A 275 30.40 -16.52 1.97
C LEU A 275 29.50 -16.21 3.17
N MET A 276 29.29 -17.19 4.07
CA MET A 276 28.43 -16.97 5.22
C MET A 276 28.95 -15.84 6.10
N ALA A 277 30.28 -15.73 6.23
CA ALA A 277 30.86 -14.65 7.03
C ALA A 277 30.54 -13.30 6.40
N GLN A 278 30.54 -13.24 5.07
CA GLN A 278 30.14 -11.99 4.42
C GLN A 278 28.70 -11.64 4.73
N SER A 279 27.78 -12.60 4.52
CA SER A 279 26.36 -12.32 4.77
C SER A 279 26.16 -11.77 6.18
N ILE A 280 26.83 -12.36 7.17
CA ILE A 280 26.68 -11.91 8.56
C ILE A 280 27.18 -10.49 8.72
N ILE A 281 28.37 -10.18 8.17
CA ILE A 281 28.98 -8.87 8.40
C ILE A 281 28.18 -7.78 7.67
N PHE A 282 27.55 -8.11 6.54
CA PHE A 282 26.70 -7.14 5.86
C PHE A 282 25.59 -6.65 6.78
N ILE A 283 25.01 -7.55 7.56
CA ILE A 283 23.94 -7.15 8.47
C ILE A 283 24.49 -6.28 9.59
N PHE A 284 25.62 -6.69 10.18
CA PHE A 284 26.22 -5.86 11.22
C PHE A 284 26.56 -4.47 10.68
N ALA A 285 27.04 -4.40 9.44
CA ALA A 285 27.48 -3.12 8.90
C ALA A 285 26.32 -2.24 8.44
N GLY A 286 25.23 -2.86 8.01
CA GLY A 286 24.15 -2.13 7.36
C GLY A 286 22.94 -1.83 8.23
N TYR A 287 22.72 -2.61 9.29
CA TYR A 287 21.50 -2.47 10.07
C TYR A 287 21.41 -1.13 10.79
N GLU A 288 22.29 -0.92 11.78
CA GLU A 288 22.12 0.21 12.67
C GLU A 288 22.57 1.52 12.04
N THR A 289 23.58 1.49 11.17
CA THR A 289 23.94 2.68 10.41
C THR A 289 22.74 3.20 9.63
N THR A 290 22.19 2.37 8.75
CA THR A 290 21.08 2.79 7.91
C THR A 290 19.88 3.22 8.75
N SER A 291 19.54 2.45 9.78
CA SER A 291 18.44 2.81 10.68
C SER A 291 18.66 4.19 11.30
N SER A 292 19.86 4.42 11.85
CA SER A 292 20.13 5.70 12.50
C SER A 292 20.09 6.86 11.50
N VAL A 293 20.71 6.68 10.34
CA VAL A 293 20.78 7.78 9.38
C VAL A 293 19.38 8.13 8.86
N LEU A 294 18.55 7.12 8.57
CA LEU A 294 17.16 7.39 8.18
C LEU A 294 16.43 8.24 9.22
N SER A 295 16.61 7.91 10.50
CA SER A 295 15.92 8.67 11.55
C SER A 295 16.44 10.10 11.60
N PHE A 296 17.76 10.27 11.51
CA PHE A 296 18.34 11.61 11.51
C PHE A 296 17.85 12.45 10.33
N ILE A 297 17.76 11.83 9.15
CA ILE A 297 17.26 12.55 7.97
C ILE A 297 15.83 13.05 8.19
N ILE A 298 14.93 12.14 8.61
CA ILE A 298 13.54 12.56 8.86
C ILE A 298 13.47 13.60 9.97
N TYR A 299 14.35 13.51 10.96
CA TYR A 299 14.39 14.53 12.00
C TYR A 299 14.73 15.90 11.41
N GLU A 300 15.76 15.95 10.55
CA GLU A 300 16.09 17.21 9.90
C GLU A 300 14.93 17.71 9.05
N LEU A 301 14.28 16.81 8.31
CA LEU A 301 13.16 17.23 7.47
C LEU A 301 12.04 17.81 8.32
N ALA A 302 11.73 17.16 9.45
CA ALA A 302 10.66 17.65 10.31
C ALA A 302 10.99 19.02 10.88
N THR A 303 12.22 19.19 11.36
CA THR A 303 12.64 20.48 11.91
C THR A 303 12.93 21.52 10.84
N HIS A 304 12.80 21.17 9.56
CA HIS A 304 12.99 22.14 8.47
C HIS A 304 11.88 21.95 7.45
N PRO A 305 10.70 22.53 7.71
CA PRO A 305 9.54 22.27 6.83
C PRO A 305 9.81 22.53 5.36
N ASP A 306 10.36 23.69 5.02
CA ASP A 306 10.55 24.05 3.62
C ASP A 306 11.60 23.19 2.94
N VAL A 307 12.55 22.61 3.68
CA VAL A 307 13.41 21.58 3.09
C VAL A 307 12.57 20.34 2.80
N GLN A 308 11.72 19.94 3.74
CA GLN A 308 10.83 18.82 3.51
C GLN A 308 9.86 19.11 2.36
N GLN A 309 9.32 20.33 2.32
CA GLN A 309 8.45 20.68 1.22
C GLN A 309 9.16 20.58 -0.11
N LYS A 310 10.44 20.99 -0.15
CA LYS A 310 11.16 20.97 -1.41
C LYS A 310 11.53 19.54 -1.82
N VAL A 311 11.78 18.65 -0.85
CA VAL A 311 11.97 17.24 -1.15
C VAL A 311 10.70 16.62 -1.71
N GLN A 312 9.54 16.96 -1.14
CA GLN A 312 8.29 16.38 -1.63
C GLN A 312 7.95 16.89 -3.03
N LYS A 313 8.12 18.19 -3.28
CA LYS A 313 7.96 18.71 -4.63
C LYS A 313 8.84 17.95 -5.62
N GLU A 314 10.08 17.68 -5.25
CA GLU A 314 10.98 17.02 -6.20
C GLU A 314 10.56 15.57 -6.44
N ILE A 315 10.24 14.85 -5.36
CA ILE A 315 9.68 13.50 -5.52
C ILE A 315 8.43 13.56 -6.40
N ASP A 316 7.54 14.50 -6.12
CA ASP A 316 6.32 14.62 -6.91
C ASP A 316 6.63 14.89 -8.37
N THR A 317 7.78 15.51 -8.67
CA THR A 317 8.11 15.79 -10.06
C THR A 317 8.58 14.54 -10.78
N VAL A 318 9.37 13.70 -10.11
CA VAL A 318 9.92 12.53 -10.76
C VAL A 318 9.00 11.31 -10.64
N LEU A 319 8.20 11.26 -9.57
CA LEU A 319 7.32 10.11 -9.30
C LEU A 319 5.95 10.63 -8.88
N PRO A 320 5.19 11.17 -9.83
CA PRO A 320 3.87 11.71 -9.50
C PRO A 320 2.90 10.60 -9.09
N ASN A 321 1.90 11.01 -8.30
CA ASN A 321 0.77 10.15 -7.97
C ASN A 321 1.26 8.86 -7.30
N LYS A 322 2.22 8.99 -6.39
CA LYS A 322 2.76 7.87 -5.61
C LYS A 322 3.35 6.77 -6.48
N ALA A 323 3.88 7.13 -7.65
CA ALA A 323 4.54 6.17 -8.52
C ALA A 323 5.66 5.45 -7.79
N PRO A 324 5.84 4.14 -8.01
CA PRO A 324 6.84 3.39 -7.23
C PRO A 324 8.25 3.79 -7.63
N PRO A 325 9.13 4.01 -6.66
CA PRO A 325 10.50 4.43 -6.99
C PRO A 325 11.30 3.33 -7.68
N THR A 326 12.14 3.74 -8.61
CA THR A 326 13.05 2.85 -9.31
C THR A 326 14.48 3.38 -9.19
N TYR A 327 15.44 2.55 -9.58
CA TYR A 327 16.84 3.00 -9.57
C TYR A 327 16.98 4.30 -10.36
N ASP A 328 16.49 4.30 -11.60
CA ASP A 328 16.72 5.45 -12.49
C ASP A 328 15.99 6.69 -11.98
N THR A 329 14.82 6.53 -11.38
CA THR A 329 14.10 7.69 -10.88
C THR A 329 14.76 8.24 -9.61
N VAL A 330 15.05 7.36 -8.66
CA VAL A 330 15.76 7.73 -7.44
C VAL A 330 17.09 8.42 -7.78
N LEU A 331 17.76 7.94 -8.83
CA LEU A 331 18.99 8.57 -9.29
C LEU A 331 18.80 10.04 -9.67
N GLN A 332 17.57 10.48 -9.89
CA GLN A 332 17.32 11.86 -10.30
C GLN A 332 17.00 12.80 -9.14
N LEU A 333 16.91 12.29 -7.91
CA LEU A 333 16.53 13.12 -6.76
C LEU A 333 17.77 13.84 -6.21
N GLU A 334 18.25 14.80 -7.02
CA GLU A 334 19.47 15.54 -6.73
C GLU A 334 19.36 16.32 -5.43
N TYR A 335 18.21 16.96 -5.20
CA TYR A 335 18.03 17.65 -3.94
C TYR A 335 17.98 16.68 -2.78
N LEU A 336 17.24 15.57 -2.94
CA LEU A 336 17.25 14.56 -1.88
C LEU A 336 18.67 14.11 -1.57
N ASP A 337 19.51 13.95 -2.60
CA ASP A 337 20.92 13.64 -2.40
C ASP A 337 21.61 14.68 -1.53
N MET A 338 21.33 15.96 -1.78
CA MET A 338 21.96 16.99 -0.97
C MET A 338 21.50 16.89 0.48
N VAL A 339 20.22 16.62 0.68
CA VAL A 339 19.67 16.46 2.02
C VAL A 339 20.33 15.27 2.73
N VAL A 340 20.50 14.16 2.01
CA VAL A 340 21.16 13.02 2.62
C VAL A 340 22.61 13.34 2.95
N ASN A 341 23.28 14.03 2.03
CA ASN A 341 24.68 14.37 2.25
C ASN A 341 24.84 15.35 3.42
N GLU A 342 23.92 16.30 3.56
CA GLU A 342 24.03 17.26 4.64
C GLU A 342 23.68 16.64 6.00
N THR A 343 22.82 15.63 6.00
CA THR A 343 22.54 14.92 7.25
C THR A 343 23.75 14.11 7.70
N LEU A 344 24.44 13.47 6.74
CA LEU A 344 25.62 12.67 7.08
C LEU A 344 26.80 13.53 7.50
N ARG A 345 26.88 14.78 7.03
CA ARG A 345 27.89 15.68 7.59
C ARG A 345 27.63 15.91 9.07
N LEU A 346 26.39 16.25 9.43
CA LEU A 346 26.07 16.54 10.83
C LEU A 346 26.12 15.28 11.68
N PHE A 347 25.70 14.14 11.15
CA PHE A 347 25.65 12.89 11.92
C PHE A 347 26.37 11.77 11.19
N PRO A 348 27.72 11.82 11.14
CA PRO A 348 28.49 10.68 10.63
C PRO A 348 28.51 9.57 11.66
N VAL A 349 27.64 8.58 11.49
CA VAL A 349 27.30 7.70 12.60
C VAL A 349 28.48 6.86 13.07
N ALA A 350 29.49 6.66 12.23
CA ALA A 350 30.69 5.95 12.66
C ALA A 350 31.60 6.80 13.53
N MET A 351 31.48 8.12 13.53
CA MET A 351 32.27 9.07 14.31
C MET A 351 33.71 9.16 13.78
N ARG A 352 34.41 7.97 13.77
CA ARG A 352 35.83 7.96 13.42
C ARG A 352 36.18 6.87 12.42
N LEU A 353 37.34 7.04 11.82
CA LEU A 353 37.98 6.01 11.02
C LEU A 353 39.27 5.65 11.74
N GLU A 354 39.72 4.42 11.54
CA GLU A 354 40.84 3.88 12.29
C GLU A 354 41.66 3.00 11.37
N ARG A 355 42.99 3.09 11.51
CA ARG A 355 43.89 2.16 10.82
C ARG A 355 45.06 1.87 11.73
N VAL A 356 45.50 0.62 11.72
CA VAL A 356 46.66 0.19 12.49
C VAL A 356 47.92 0.40 11.65
N CYS A 357 48.88 1.09 12.23
CA CYS A 357 50.21 1.26 11.63
C CYS A 357 51.00 -0.04 11.69
N LYS A 358 51.31 -0.61 10.52
CA LYS A 358 52.03 -1.88 10.45
C LYS A 358 53.54 -1.74 10.65
N LYS A 359 54.10 -0.53 10.53
CA LYS A 359 55.54 -0.34 10.64
C LYS A 359 55.81 1.14 10.79
N ASP A 360 56.96 1.46 11.38
CA ASP A 360 57.41 2.85 11.48
C ASP A 360 57.35 3.53 10.11
N VAL A 361 56.89 4.78 10.11
CA VAL A 361 56.88 5.61 8.90
C VAL A 361 56.93 7.05 9.35
N GLU A 362 57.38 7.91 8.44
CA GLU A 362 57.26 9.34 8.58
C GLU A 362 56.50 9.81 7.35
N ILE A 363 55.35 10.44 7.55
CA ILE A 363 54.51 10.91 6.45
C ILE A 363 54.08 12.32 6.76
N ASN A 364 54.07 13.17 5.73
CA ASN A 364 53.55 14.52 5.84
C ASN A 364 54.10 15.22 7.08
N GLY A 365 55.40 15.06 7.32
CA GLY A 365 56.08 15.76 8.40
C GLY A 365 55.96 15.14 9.77
N MET A 366 55.41 13.94 9.90
CA MET A 366 55.21 13.33 11.22
C MET A 366 55.66 11.87 11.23
N PHE A 367 56.39 11.51 12.28
CA PHE A 367 56.78 10.13 12.54
C PHE A 367 55.64 9.43 13.30
N ILE A 368 55.36 8.18 12.91
CA ILE A 368 54.27 7.41 13.47
C ILE A 368 54.86 6.04 13.77
N PRO A 369 54.91 5.60 15.02
CA PRO A 369 55.58 4.32 15.31
C PRO A 369 54.68 3.13 15.02
N LYS A 370 55.34 2.01 14.75
CA LYS A 370 54.66 0.74 14.54
C LYS A 370 53.66 0.49 15.67
N GLY A 371 52.47 -0.05 15.31
CA GLY A 371 51.50 -0.50 16.30
C GLY A 371 50.54 0.55 16.82
N VAL A 372 50.84 1.84 16.63
CA VAL A 372 49.87 2.87 16.90
C VAL A 372 48.63 2.69 16.00
N VAL A 373 47.46 3.07 16.51
CA VAL A 373 46.24 3.13 15.74
C VAL A 373 46.10 4.57 15.26
N VAL A 374 46.06 4.77 13.95
CA VAL A 374 45.76 6.09 13.43
C VAL A 374 44.24 6.26 13.39
N MET A 375 43.78 7.42 13.86
CA MET A 375 42.37 7.68 14.01
C MET A 375 42.07 8.99 13.30
N ILE A 376 41.13 8.93 12.35
CA ILE A 376 40.67 10.11 11.65
C ILE A 376 39.32 10.50 12.26
N PRO A 377 39.24 11.59 13.03
CA PRO A 377 37.96 11.96 13.67
C PRO A 377 37.00 12.68 12.72
N SER A 378 36.36 11.88 11.86
CA SER A 378 35.32 12.33 10.94
C SER A 378 34.35 13.36 11.54
N TYR A 379 33.84 13.08 12.75
CA TYR A 379 32.88 14.01 13.34
C TYR A 379 33.51 15.38 13.57
N VAL A 380 34.76 15.40 14.04
CA VAL A 380 35.44 16.67 14.30
C VAL A 380 35.60 17.44 13.00
N LEU A 381 36.15 16.78 11.97
CA LEU A 381 36.33 17.40 10.66
C LEU A 381 34.99 17.85 10.07
N HIS A 382 33.91 17.09 10.28
CA HIS A 382 32.60 17.47 9.78
C HIS A 382 32.04 18.72 10.48
N HIS A 383 32.51 19.01 11.68
CA HIS A 383 31.93 20.07 12.50
C HIS A 383 32.90 21.22 12.72
N ASP A 384 34.01 21.21 12.00
CA ASP A 384 35.12 22.14 12.21
C ASP A 384 34.84 23.46 11.49
N PRO A 385 34.74 24.59 12.21
CA PRO A 385 34.51 25.87 11.51
C PRO A 385 35.62 26.25 10.54
N LYS A 386 36.77 25.58 10.59
CA LYS A 386 37.82 25.83 9.60
C LYS A 386 37.37 25.46 8.20
N TYR A 387 36.51 24.46 8.05
CA TYR A 387 36.10 23.95 6.75
C TYR A 387 34.63 24.17 6.41
N TRP A 388 33.83 24.67 7.34
CA TRP A 388 32.39 24.80 7.12
C TRP A 388 31.93 26.10 7.76
N THR A 389 31.14 26.89 7.02
CA THR A 389 30.51 28.06 7.60
C THR A 389 29.31 27.59 8.42
N GLU A 390 29.16 28.17 9.61
CA GLU A 390 28.11 27.84 10.57
C GLU A 390 27.90 26.31 10.64
N PRO A 391 28.93 25.57 11.04
CA PRO A 391 28.93 24.11 10.79
C PRO A 391 27.86 23.34 11.53
N GLU A 392 27.19 23.93 12.50
CA GLU A 392 26.09 23.29 13.19
C GLU A 392 24.75 23.55 12.50
N LYS A 393 24.75 24.37 11.44
CA LYS A 393 23.52 24.64 10.70
C LYS A 393 23.29 23.55 9.65
N PHE A 394 22.03 23.11 9.56
CA PHE A 394 21.59 22.19 8.52
C PHE A 394 21.31 23.03 7.26
N LEU A 395 22.26 22.99 6.33
CA LEU A 395 22.16 23.72 5.06
C LEU A 395 22.46 22.74 3.94
N PRO A 396 21.44 22.16 3.32
CA PRO A 396 21.69 21.23 2.21
C PRO A 396 22.45 21.86 1.07
N GLU A 397 22.42 23.19 0.95
CA GLU A 397 23.06 23.83 -0.19
C GLU A 397 24.57 23.66 -0.19
N ARG A 398 25.20 23.25 0.93
CA ARG A 398 26.65 23.01 0.88
C ARG A 398 26.98 21.92 -0.12
N PHE A 399 26.02 21.04 -0.41
CA PHE A 399 26.26 19.91 -1.30
C PHE A 399 25.65 20.12 -2.67
N SER A 400 25.33 21.35 -3.03
CA SER A 400 24.87 21.64 -4.38
C SER A 400 26.00 21.41 -5.38
N ALA A 401 25.61 21.15 -6.62
CA ALA A 401 26.56 20.81 -7.67
C ALA A 401 27.65 21.85 -7.78
N ALA A 402 27.30 23.11 -7.57
CA ALA A 402 28.24 24.20 -7.75
C ALA A 402 29.23 24.33 -6.60
N ASN A 403 28.91 23.79 -5.42
CA ASN A 403 29.83 23.86 -4.28
C ASN A 403 30.74 22.62 -4.19
N ALA A 404 30.86 21.85 -5.27
CA ALA A 404 31.58 20.59 -5.20
C ALA A 404 33.08 20.78 -5.04
N ASP A 405 33.65 21.83 -5.63
CA ASP A 405 35.07 22.06 -5.47
C ASP A 405 35.44 22.36 -4.03
N ASN A 406 34.51 22.92 -3.26
CA ASN A 406 34.81 23.32 -1.89
C ASN A 406 34.57 22.20 -0.88
N ILE A 407 34.49 20.95 -1.31
CA ILE A 407 34.32 19.82 -0.39
C ILE A 407 35.48 18.86 -0.60
N ASP A 408 36.41 18.89 0.35
CA ASP A 408 37.55 17.99 0.38
C ASP A 408 37.08 16.60 0.81
N PRO A 409 37.39 15.54 0.04
CA PRO A 409 36.93 14.19 0.41
C PRO A 409 37.73 13.53 1.52
N TYR A 410 38.73 14.20 2.10
CA TYR A 410 39.39 13.74 3.32
C TYR A 410 38.89 14.51 4.53
N ILE A 411 38.18 15.62 4.31
CA ILE A 411 37.47 16.26 5.40
C ILE A 411 36.08 15.66 5.59
N TYR A 412 35.37 15.37 4.50
CA TYR A 412 34.00 14.84 4.56
C TYR A 412 34.07 13.34 4.31
N THR A 413 33.88 12.53 5.36
CA THR A 413 34.16 11.10 5.26
C THR A 413 33.13 10.23 5.97
N PRO A 414 31.83 10.39 5.69
CA PRO A 414 30.82 9.60 6.39
C PRO A 414 30.89 8.12 6.04
N PHE A 415 31.43 7.77 4.88
CA PHE A 415 31.62 6.40 4.42
C PHE A 415 33.09 6.00 4.36
N GLY A 416 33.98 6.78 5.02
CA GLY A 416 35.40 6.54 4.90
C GLY A 416 35.93 6.96 3.54
N SER A 417 37.15 6.48 3.25
CA SER A 417 37.78 6.78 1.96
C SER A 417 38.87 5.75 1.68
N GLY A 418 39.24 5.68 0.40
CA GLY A 418 40.34 4.85 -0.04
C GLY A 418 39.92 3.40 -0.16
N PRO A 419 40.89 2.50 -0.35
CA PRO A 419 40.57 1.09 -0.64
C PRO A 419 39.76 0.41 0.45
N ARG A 420 39.80 0.90 1.69
CA ARG A 420 39.10 0.25 2.79
C ARG A 420 37.86 1.05 3.20
N ASN A 421 37.26 1.79 2.27
CA ASN A 421 36.06 2.56 2.55
C ASN A 421 34.85 1.63 2.64
N CYS A 422 33.68 2.22 2.87
CA CYS A 422 32.41 1.47 2.92
C CYS A 422 32.09 0.88 1.56
N ILE A 423 32.16 -0.45 1.46
CA ILE A 423 31.87 -1.10 0.20
C ILE A 423 30.37 -1.13 -0.08
N GLY A 424 29.54 -0.95 0.95
CA GLY A 424 28.11 -0.84 0.80
C GLY A 424 27.59 0.58 0.69
N MET A 425 28.45 1.58 0.46
CA MET A 425 27.98 2.96 0.42
C MET A 425 26.91 3.18 -0.66
N ARG A 426 27.15 2.74 -1.90
CA ARG A 426 26.18 3.00 -2.97
C ARG A 426 24.85 2.32 -2.67
N PHE A 427 24.90 1.08 -2.21
CA PHE A 427 23.67 0.39 -1.84
C PHE A 427 22.94 1.12 -0.71
N ALA A 428 23.68 1.62 0.28
CA ALA A 428 23.04 2.28 1.42
C ALA A 428 22.36 3.57 1.00
N LEU A 429 22.99 4.32 0.10
CA LEU A 429 22.38 5.57 -0.36
C LEU A 429 21.09 5.30 -1.15
N VAL A 430 21.14 4.35 -2.08
CA VAL A 430 19.93 4.05 -2.83
C VAL A 430 18.85 3.52 -1.91
N ASN A 431 19.22 2.59 -1.03
CA ASN A 431 18.25 1.97 -0.12
C ASN A 431 17.57 3.02 0.74
N MET A 432 18.31 4.01 1.23
CA MET A 432 17.71 5.05 2.04
C MET A 432 16.81 5.94 1.20
N LYS A 433 17.19 6.17 -0.06
CA LYS A 433 16.33 6.98 -0.92
C LYS A 433 15.04 6.23 -1.27
N LEU A 434 15.13 4.93 -1.57
CA LEU A 434 13.91 4.14 -1.78
C LEU A 434 12.94 4.31 -0.64
N ALA A 435 13.43 4.21 0.61
CA ALA A 435 12.56 4.33 1.78
C ALA A 435 12.05 5.76 1.95
N LEU A 436 12.94 6.75 1.79
CA LEU A 436 12.52 8.13 2.00
C LEU A 436 11.46 8.55 1.01
N VAL A 437 11.55 8.04 -0.22
CA VAL A 437 10.57 8.34 -1.27
C VAL A 437 9.19 7.81 -0.88
N ARG A 438 9.10 6.48 -0.68
CA ARG A 438 7.88 5.86 -0.18
C ARG A 438 7.23 6.66 0.93
N VAL A 439 8.00 6.98 1.96
CA VAL A 439 7.46 7.57 3.16
C VAL A 439 7.05 9.02 2.92
N LEU A 440 7.78 9.73 2.06
CA LEU A 440 7.45 11.13 1.83
C LEU A 440 6.39 11.28 0.75
N GLN A 441 6.22 10.26 -0.10
CA GLN A 441 5.07 10.20 -0.99
C GLN A 441 3.76 10.11 -0.22
N ASN A 442 3.80 9.61 1.00
CA ASN A 442 2.59 9.32 1.75
C ASN A 442 2.43 10.12 3.03
N PHE A 443 3.46 10.82 3.48
CA PHE A 443 3.40 11.44 4.80
C PHE A 443 4.22 12.72 4.84
N SER A 444 3.98 13.48 5.89
CA SER A 444 4.68 14.72 6.16
C SER A 444 4.96 14.77 7.65
N PHE A 445 6.22 14.98 8.01
CA PHE A 445 6.61 14.90 9.39
C PHE A 445 6.69 16.28 10.00
N LYS A 446 6.39 16.35 11.29
CA LYS A 446 6.24 17.58 12.03
C LYS A 446 6.67 17.30 13.46
N PRO A 447 7.32 18.26 14.12
CA PRO A 447 7.64 18.08 15.54
C PRO A 447 6.38 17.94 16.36
N CYS A 448 6.44 17.12 17.38
CA CYS A 448 5.32 17.03 18.30
C CYS A 448 5.77 17.48 19.68
N LYS A 449 5.02 17.08 20.71
CA LYS A 449 5.29 17.54 22.08
C LYS A 449 6.55 16.89 22.64
N GLU A 450 6.75 15.60 22.37
CA GLU A 450 7.80 14.80 22.96
C GLU A 450 9.12 14.87 22.18
N THR A 451 9.16 15.63 21.09
CA THR A 451 10.36 15.70 20.26
C THR A 451 11.46 16.46 21.00
N GLN A 452 12.59 15.78 21.24
CA GLN A 452 13.75 16.41 21.84
C GLN A 452 14.36 17.40 20.86
N ILE A 453 14.24 18.69 21.18
CA ILE A 453 14.79 19.76 20.34
C ILE A 453 15.45 20.80 21.24
N PRO A 454 16.75 21.09 21.06
CA PRO A 454 17.56 20.39 20.06
C PRO A 454 17.93 18.97 20.50
N LEU A 455 18.26 18.15 19.53
CA LEU A 455 18.54 16.74 19.77
C LEU A 455 19.79 16.58 20.63
N LYS A 456 19.78 15.58 21.51
CA LYS A 456 20.92 15.28 22.35
C LYS A 456 21.50 13.93 21.96
N LEU A 457 22.83 13.82 21.99
CA LEU A 457 23.48 12.57 21.62
C LEU A 457 23.98 11.85 22.87
N ARG A 458 24.29 10.57 22.68
CA ARG A 458 24.47 9.62 23.77
C ARG A 458 25.60 8.65 23.41
N PHE A 459 26.34 8.23 24.42
CA PHE A 459 27.49 7.35 24.18
C PHE A 459 27.06 6.04 23.50
N GLY A 460 27.84 5.63 22.51
CA GLY A 460 27.61 4.35 21.86
C GLY A 460 28.71 4.06 20.86
N GLY A 461 28.65 2.84 20.32
CA GLY A 461 29.55 2.49 19.24
C GLY A 461 29.31 3.32 17.99
N LEU A 462 28.06 3.68 17.73
CA LEU A 462 27.74 4.69 16.74
C LEU A 462 27.14 5.89 17.45
N LEU A 463 26.95 6.96 16.69
CA LEU A 463 26.22 8.14 17.11
C LEU A 463 24.79 7.78 17.55
N LEU A 464 24.47 7.93 18.83
CA LEU A 464 23.15 7.60 19.37
C LEU A 464 22.49 8.82 19.96
N THR A 465 21.16 8.80 19.95
CA THR A 465 20.37 9.86 20.56
C THR A 465 20.14 9.56 22.04
N GLU A 466 20.09 10.62 22.84
CA GLU A 466 19.84 10.46 24.27
C GLU A 466 18.45 9.88 24.52
N LYS A 467 17.40 10.50 23.95
CA LYS A 467 16.05 9.98 23.93
C LYS A 467 15.65 9.61 22.50
N PRO A 468 14.71 8.68 22.31
CA PRO A 468 14.35 8.29 20.94
C PRO A 468 13.76 9.46 20.19
N ILE A 469 13.93 9.44 18.87
CA ILE A 469 13.36 10.51 18.05
C ILE A 469 11.90 10.19 17.83
N VAL A 470 11.02 11.09 18.29
CA VAL A 470 9.59 10.93 18.16
C VAL A 470 9.05 12.12 17.38
N LEU A 471 8.32 11.85 16.32
CA LEU A 471 7.69 12.87 15.52
C LEU A 471 6.26 12.45 15.26
N LYS A 472 5.49 13.37 14.70
CA LYS A 472 4.14 13.08 14.24
C LYS A 472 4.14 13.03 12.73
N ALA A 473 3.52 12.00 12.17
CA ALA A 473 3.45 11.77 10.73
C ALA A 473 2.00 11.96 10.25
N GLU A 474 1.79 12.92 9.35
CA GLU A 474 0.49 13.25 8.79
C GLU A 474 0.38 12.73 7.37
N SER A 475 -0.70 12.00 7.08
CA SER A 475 -0.90 11.50 5.73
C SER A 475 -1.11 12.63 4.75
N ARG A 476 -0.63 12.43 3.52
CA ARG A 476 -0.85 13.37 2.43
C ARG A 476 -2.08 12.94 1.65
N ASP A 477 -3.11 13.78 1.65
CA ASP A 477 -4.37 13.51 0.95
C ASP A 477 -5.06 12.26 1.49
N TYR B 5 -62.45 -8.62 -2.59
CA TYR B 5 -61.42 -7.74 -3.13
C TYR B 5 -60.20 -8.50 -3.65
N GLY B 6 -59.85 -9.59 -2.96
CA GLY B 6 -58.59 -10.31 -3.14
C GLY B 6 -58.31 -10.90 -4.52
N THR B 7 -59.24 -10.82 -5.48
CA THR B 7 -59.04 -11.37 -6.82
C THR B 7 -59.31 -10.37 -7.93
N ARG B 8 -59.42 -9.08 -7.59
CA ARG B 8 -60.07 -8.10 -8.46
C ARG B 8 -59.44 -8.05 -9.85
N THR B 9 -58.13 -8.26 -9.94
CA THR B 9 -57.42 -8.27 -11.22
C THR B 9 -57.05 -9.67 -11.70
N HIS B 10 -57.40 -10.72 -10.96
CA HIS B 10 -56.78 -12.01 -11.22
C HIS B 10 -57.30 -12.70 -12.48
N GLY B 11 -58.41 -12.23 -13.06
CA GLY B 11 -58.79 -12.77 -14.36
C GLY B 11 -58.07 -12.17 -15.54
N LEU B 12 -57.26 -11.13 -15.32
CA LEU B 12 -56.80 -10.28 -16.42
C LEU B 12 -55.96 -11.05 -17.44
N PHE B 13 -55.04 -11.90 -16.97
CA PHE B 13 -54.24 -12.64 -17.93
C PHE B 13 -55.04 -13.76 -18.59
N LYS B 14 -55.99 -14.35 -17.87
CA LYS B 14 -56.91 -15.30 -18.52
C LYS B 14 -57.66 -14.61 -19.65
N LYS B 15 -58.30 -13.48 -19.33
CA LYS B 15 -59.08 -12.72 -20.29
C LYS B 15 -58.27 -12.27 -21.50
N LEU B 16 -56.94 -12.22 -21.38
CA LEU B 16 -56.11 -11.75 -22.49
C LEU B 16 -55.42 -12.90 -23.23
N GLY B 17 -55.70 -14.14 -22.87
CA GLY B 17 -55.00 -15.26 -23.48
C GLY B 17 -53.56 -15.42 -23.09
N ILE B 18 -53.12 -14.74 -22.03
CA ILE B 18 -51.73 -14.80 -21.59
C ILE B 18 -51.61 -15.87 -20.50
N PRO B 19 -50.75 -16.87 -20.67
CA PRO B 19 -50.64 -17.96 -19.69
C PRO B 19 -49.84 -17.52 -18.46
N GLY B 20 -49.92 -18.36 -17.43
CA GLY B 20 -49.21 -18.11 -16.19
C GLY B 20 -49.71 -18.93 -15.03
N PRO B 21 -49.05 -18.82 -13.89
CA PRO B 21 -49.44 -19.63 -12.73
C PRO B 21 -50.68 -19.07 -12.06
N THR B 22 -51.53 -19.98 -11.59
CA THR B 22 -52.78 -19.61 -10.95
C THR B 22 -52.51 -18.87 -9.66
N PRO B 23 -53.01 -17.64 -9.50
CA PRO B 23 -52.73 -16.87 -8.29
C PRO B 23 -53.75 -17.13 -7.19
N LEU B 24 -53.30 -16.88 -5.92
CA LEU B 24 -54.14 -16.96 -4.73
C LEU B 24 -54.78 -15.62 -4.43
N PRO B 25 -55.95 -15.60 -3.79
CA PRO B 25 -56.52 -14.33 -3.33
C PRO B 25 -55.52 -13.54 -2.49
N PHE B 26 -55.50 -12.22 -2.72
CA PHE B 26 -54.69 -11.27 -1.95
C PHE B 26 -53.20 -11.45 -2.26
N LEU B 27 -52.67 -12.66 -2.09
CA LEU B 27 -51.26 -12.90 -2.32
C LEU B 27 -50.83 -12.91 -3.79
N GLY B 28 -51.73 -13.32 -4.69
CA GLY B 28 -51.32 -13.53 -6.07
C GLY B 28 -50.41 -14.74 -6.11
N ASN B 29 -49.26 -14.60 -6.76
CA ASN B 29 -48.25 -15.66 -6.79
C ASN B 29 -47.10 -15.43 -5.82
N ALA B 30 -47.24 -14.49 -4.87
CA ALA B 30 -46.07 -14.03 -4.11
C ALA B 30 -45.37 -15.16 -3.37
N LEU B 31 -46.11 -16.17 -2.90
CA LEU B 31 -45.48 -17.26 -2.15
C LEU B 31 -44.46 -18.02 -2.98
N SER B 32 -44.58 -17.97 -4.31
CA SER B 32 -43.64 -18.64 -5.20
C SER B 32 -42.35 -17.86 -5.40
N PHE B 33 -42.29 -16.58 -5.05
CA PHE B 33 -41.04 -15.85 -5.24
C PHE B 33 -40.01 -16.26 -4.21
N ARG B 34 -40.45 -16.75 -3.04
CA ARG B 34 -39.55 -16.92 -1.90
C ARG B 34 -38.43 -17.92 -2.19
N LYS B 35 -38.54 -18.74 -3.23
CA LYS B 35 -37.42 -19.57 -3.66
C LYS B 35 -36.37 -18.78 -4.43
N GLY B 36 -36.63 -17.51 -4.75
CA GLY B 36 -35.78 -16.69 -5.55
C GLY B 36 -36.50 -16.20 -6.80
N TYR B 37 -36.34 -14.91 -7.10
CA TYR B 37 -36.86 -14.39 -8.34
C TYR B 37 -36.20 -15.05 -9.55
N TRP B 38 -34.88 -15.27 -9.49
CA TRP B 38 -34.19 -15.84 -10.64
CA TRP B 38 -34.20 -15.82 -10.66
C TRP B 38 -34.76 -17.20 -11.00
N THR B 39 -34.87 -18.09 -10.00
CA THR B 39 -35.36 -19.44 -10.27
C THR B 39 -36.85 -19.45 -10.64
N PHE B 40 -37.64 -18.54 -10.09
CA PHE B 40 -39.06 -18.51 -10.46
C PHE B 40 -39.24 -18.08 -11.90
N ASP B 41 -38.54 -17.02 -12.31
CA ASP B 41 -38.61 -16.54 -13.68
C ASP B 41 -38.20 -17.62 -14.68
N MET B 42 -37.14 -18.36 -14.38
CA MET B 42 -36.72 -19.42 -15.30
CA MET B 42 -36.72 -19.42 -15.30
C MET B 42 -37.74 -20.54 -15.37
N GLU B 43 -38.31 -20.94 -14.23
CA GLU B 43 -39.35 -21.94 -14.22
C GLU B 43 -40.52 -21.50 -15.09
N CYS B 44 -40.94 -20.25 -14.93
CA CYS B 44 -42.05 -19.75 -15.73
C CYS B 44 -41.69 -19.71 -17.21
N TYR B 45 -40.46 -19.32 -17.54
CA TYR B 45 -40.04 -19.33 -18.94
C TYR B 45 -40.14 -20.72 -19.52
N LYS B 46 -39.60 -21.72 -18.83
CA LYS B 46 -39.59 -23.09 -19.35
C LYS B 46 -41.01 -23.58 -19.65
N LYS B 47 -41.93 -23.37 -18.72
CA LYS B 47 -43.21 -24.04 -18.82
C LYS B 47 -44.31 -23.20 -19.48
N TYR B 48 -44.10 -21.91 -19.68
CA TYR B 48 -45.12 -21.06 -20.27
C TYR B 48 -44.74 -20.45 -21.61
N GLY B 49 -43.46 -20.37 -21.95
CA GLY B 49 -43.03 -19.87 -23.25
C GLY B 49 -42.55 -18.44 -23.29
N LYS B 50 -42.74 -17.77 -24.43
CA LYS B 50 -42.14 -16.47 -24.67
C LYS B 50 -42.69 -15.40 -23.72
N VAL B 51 -43.96 -15.46 -23.39
CA VAL B 51 -44.56 -14.46 -22.51
C VAL B 51 -45.38 -15.17 -21.44
N TRP B 52 -45.45 -14.55 -20.26
CA TRP B 52 -46.27 -15.11 -19.20
C TRP B 52 -46.64 -14.02 -18.21
N GLY B 53 -47.59 -14.33 -17.35
CA GLY B 53 -48.19 -13.32 -16.50
C GLY B 53 -48.25 -13.83 -15.06
N ILE B 54 -47.89 -12.95 -14.13
CA ILE B 54 -47.89 -13.26 -12.71
C ILE B 54 -48.58 -12.13 -11.97
N TYR B 55 -48.88 -12.39 -10.70
CA TYR B 55 -49.44 -11.38 -9.82
C TYR B 55 -48.59 -11.29 -8.57
N ASP B 56 -48.21 -10.07 -8.23
CA ASP B 56 -47.51 -9.74 -6.99
C ASP B 56 -48.55 -9.00 -6.16
N GLY B 57 -49.28 -9.75 -5.34
CA GLY B 57 -50.42 -9.17 -4.64
C GLY B 57 -51.55 -8.97 -5.62
N GLN B 58 -52.07 -7.74 -5.68
CA GLN B 58 -53.06 -7.41 -6.70
C GLN B 58 -52.44 -6.92 -8.01
N GLN B 59 -51.11 -6.72 -8.03
CA GLN B 59 -50.43 -6.12 -9.18
C GLN B 59 -50.13 -7.18 -10.23
N PRO B 60 -50.65 -7.05 -11.44
CA PRO B 60 -50.25 -7.99 -12.50
C PRO B 60 -48.95 -7.55 -13.15
N MET B 61 -48.11 -8.54 -13.44
CA MET B 61 -46.81 -8.32 -14.06
C MET B 61 -46.73 -9.21 -15.29
N LEU B 62 -46.36 -8.62 -16.43
CA LEU B 62 -46.25 -9.31 -17.70
C LEU B 62 -44.78 -9.44 -18.10
N ALA B 63 -44.32 -10.69 -18.22
CA ALA B 63 -42.95 -10.94 -18.63
C ALA B 63 -42.89 -11.11 -20.14
N ILE B 64 -41.88 -10.51 -20.76
CA ILE B 64 -41.65 -10.59 -22.20
C ILE B 64 -40.21 -11.02 -22.42
N THR B 65 -39.99 -11.83 -23.46
CA THR B 65 -38.64 -12.27 -23.81
C THR B 65 -38.21 -11.85 -25.21
N ASP B 66 -39.07 -11.18 -25.98
CA ASP B 66 -38.74 -10.85 -27.36
C ASP B 66 -37.91 -9.57 -27.42
N PRO B 67 -36.70 -9.59 -27.99
CA PRO B 67 -35.87 -8.38 -27.98
C PRO B 67 -36.54 -7.19 -28.65
N ASP B 68 -37.27 -7.41 -29.75
CA ASP B 68 -37.99 -6.31 -30.40
C ASP B 68 -39.00 -5.70 -29.44
N MET B 69 -39.78 -6.56 -28.78
CA MET B 69 -40.72 -6.08 -27.78
C MET B 69 -39.98 -5.43 -26.60
N ILE B 70 -38.86 -6.01 -26.17
CA ILE B 70 -38.12 -5.41 -25.07
C ILE B 70 -37.68 -4.00 -25.46
N LYS B 71 -37.20 -3.85 -26.70
CA LYS B 71 -36.76 -2.54 -27.20
C LYS B 71 -37.91 -1.57 -27.38
N THR B 72 -39.13 -2.06 -27.66
CA THR B 72 -40.24 -1.12 -27.69
C THR B 72 -40.53 -0.59 -26.30
N VAL B 73 -40.53 -1.49 -25.31
CA VAL B 73 -40.81 -1.09 -23.93
C VAL B 73 -39.72 -0.15 -23.42
N LEU B 74 -38.45 -0.56 -23.53
CA LEU B 74 -37.36 0.17 -22.90
C LEU B 74 -36.95 1.43 -23.66
N VAL B 75 -37.14 1.47 -24.99
CA VAL B 75 -36.61 2.56 -25.78
C VAL B 75 -37.73 3.39 -26.42
N LYS B 76 -38.43 2.79 -27.38
CA LYS B 76 -39.34 3.56 -28.23
C LYS B 76 -40.44 4.23 -27.43
N GLU B 77 -41.09 3.48 -26.55
CA GLU B 77 -42.25 3.97 -25.81
C GLU B 77 -41.93 4.25 -24.35
N CYS B 78 -40.75 4.83 -24.10
CA CYS B 78 -40.30 5.06 -22.74
C CYS B 78 -40.95 6.32 -22.16
N TYR B 79 -40.82 7.46 -22.84
CA TYR B 79 -41.41 8.67 -22.29
C TYR B 79 -42.92 8.66 -22.40
N SER B 80 -43.47 7.93 -23.36
CA SER B 80 -44.89 8.01 -23.62
C SER B 80 -45.69 7.06 -22.75
N VAL B 81 -45.19 5.83 -22.55
CA VAL B 81 -46.02 4.78 -21.97
C VAL B 81 -45.30 4.07 -20.82
N PHE B 82 -44.05 3.67 -21.01
CA PHE B 82 -43.36 2.87 -19.99
C PHE B 82 -42.32 3.70 -19.25
N THR B 83 -42.77 4.70 -18.51
CA THR B 83 -41.86 5.71 -17.99
C THR B 83 -41.34 5.40 -16.60
N ASN B 84 -42.13 4.76 -15.75
CA ASN B 84 -41.83 4.73 -14.33
C ASN B 84 -41.69 3.31 -13.81
N ARG B 85 -40.98 3.19 -12.68
CA ARG B 85 -40.93 1.92 -12.00
CA ARG B 85 -40.88 1.95 -11.94
C ARG B 85 -42.08 1.81 -11.00
N ARG B 86 -42.25 0.62 -10.47
CA ARG B 86 -43.33 0.33 -9.53
C ARG B 86 -43.05 1.02 -8.19
N PRO B 87 -44.04 1.72 -7.61
CA PRO B 87 -43.85 2.29 -6.25
C PRO B 87 -43.82 1.21 -5.18
N PHE B 88 -43.50 1.62 -3.93
CA PHE B 88 -43.21 0.54 -2.92
C PHE B 88 -43.51 0.67 -1.48
N GLY B 89 -44.22 1.67 -0.93
CA GLY B 89 -44.83 2.83 -1.48
C GLY B 89 -44.62 4.18 -0.83
N PRO B 90 -45.04 4.31 0.43
CA PRO B 90 -45.00 5.63 1.09
C PRO B 90 -43.57 6.13 1.26
N VAL B 91 -43.27 7.27 0.66
CA VAL B 91 -41.96 7.91 0.71
C VAL B 91 -42.18 9.42 0.88
N GLY B 92 -41.25 10.06 1.59
CA GLY B 92 -41.39 11.48 1.87
C GLY B 92 -40.70 12.32 0.81
N PHE B 93 -39.71 13.11 1.23
CA PHE B 93 -38.94 13.89 0.27
C PHE B 93 -38.24 13.02 -0.76
N MET B 94 -37.99 11.73 -0.45
CA MET B 94 -37.30 10.83 -1.36
C MET B 94 -38.07 10.62 -2.67
N LYS B 95 -39.26 11.21 -2.78
CA LYS B 95 -39.97 11.25 -4.06
C LYS B 95 -39.14 11.91 -5.14
N ASN B 96 -38.18 12.74 -4.75
CA ASN B 96 -37.30 13.44 -5.67
C ASN B 96 -36.10 12.61 -6.07
N ALA B 97 -35.83 11.49 -5.39
CA ALA B 97 -34.75 10.63 -5.83
C ALA B 97 -35.03 10.16 -7.25
N ILE B 98 -33.99 10.20 -8.09
CA ILE B 98 -34.20 9.98 -9.52
C ILE B 98 -34.87 8.64 -9.79
N SER B 99 -34.54 7.61 -9.03
CA SER B 99 -35.08 6.29 -9.30
C SER B 99 -36.55 6.17 -8.93
N ILE B 100 -37.04 7.09 -8.10
CA ILE B 100 -38.41 7.05 -7.60
C ILE B 100 -39.30 8.04 -8.33
N ALA B 101 -38.74 9.18 -8.75
CA ALA B 101 -39.49 10.21 -9.47
C ALA B 101 -40.18 9.64 -10.70
N GLU B 102 -41.22 10.33 -11.17
CA GLU B 102 -42.03 9.86 -12.28
C GLU B 102 -42.23 10.97 -13.31
N ASP B 103 -42.55 10.55 -14.53
CA ASP B 103 -43.11 11.41 -15.58
C ASP B 103 -42.22 12.64 -15.75
N GLU B 104 -42.77 13.85 -15.78
CA GLU B 104 -41.96 15.04 -16.04
CA GLU B 104 -41.96 15.04 -16.04
C GLU B 104 -40.96 15.30 -14.92
N GLU B 105 -41.28 14.87 -13.69
CA GLU B 105 -40.33 15.08 -12.60
C GLU B 105 -39.06 14.26 -12.82
N TRP B 106 -39.22 12.98 -13.18
CA TRP B 106 -38.07 12.15 -13.50
C TRP B 106 -37.29 12.72 -14.67
N LYS B 107 -38.00 13.07 -15.75
CA LYS B 107 -37.33 13.62 -16.92
C LYS B 107 -36.49 14.85 -16.54
N ARG B 108 -36.99 15.64 -15.58
CA ARG B 108 -36.24 16.82 -15.15
C ARG B 108 -34.97 16.43 -14.40
N ILE B 109 -35.10 15.60 -13.36
CA ILE B 109 -33.96 15.31 -12.50
C ILE B 109 -32.90 14.50 -13.25
N ARG B 110 -33.32 13.57 -14.11
CA ARG B 110 -32.36 12.84 -14.94
C ARG B 110 -31.55 13.77 -15.82
N SER B 111 -32.18 14.85 -16.31
CA SER B 111 -31.46 15.81 -17.15
C SER B 111 -30.52 16.67 -16.31
N LEU B 112 -30.94 17.02 -15.09
CA LEU B 112 -30.05 17.77 -14.21
C LEU B 112 -28.86 16.93 -13.75
N LEU B 113 -29.00 15.61 -13.72
CA LEU B 113 -27.90 14.77 -13.26
C LEU B 113 -26.99 14.31 -14.39
N SER B 114 -27.42 14.46 -15.65
CA SER B 114 -26.61 13.97 -16.77
C SER B 114 -25.20 14.58 -16.81
N PRO B 115 -25.01 15.89 -16.65
CA PRO B 115 -23.65 16.44 -16.62
C PRO B 115 -22.75 15.77 -15.60
N THR B 116 -23.30 15.37 -14.46
CA THR B 116 -22.52 14.79 -13.39
C THR B 116 -21.99 13.41 -13.74
N PHE B 117 -22.61 12.72 -14.70
CA PHE B 117 -22.21 11.36 -15.04
C PHE B 117 -21.53 11.25 -16.41
N THR B 118 -21.07 12.36 -16.98
CA THR B 118 -20.30 12.29 -18.21
C THR B 118 -18.98 11.56 -17.97
N SER B 119 -18.43 10.97 -19.03
CA SER B 119 -17.18 10.25 -18.89
C SER B 119 -16.02 11.21 -18.59
N GLY B 120 -16.10 12.44 -19.10
CA GLY B 120 -15.11 13.43 -18.72
C GLY B 120 -15.05 13.66 -17.22
N LYS B 121 -16.23 13.82 -16.61
CA LYS B 121 -16.30 14.02 -15.16
C LYS B 121 -15.88 12.77 -14.41
N LEU B 122 -16.19 11.59 -14.96
CA LEU B 122 -15.68 10.35 -14.40
C LEU B 122 -14.16 10.37 -14.33
N LYS B 123 -13.51 10.73 -15.44
CA LYS B 123 -12.05 10.75 -15.47
C LYS B 123 -11.50 11.69 -14.40
N GLU B 124 -12.08 12.88 -14.27
CA GLU B 124 -11.69 13.81 -13.21
C GLU B 124 -11.95 13.25 -11.82
N MET B 125 -12.75 12.21 -11.69
CA MET B 125 -13.04 11.69 -10.35
C MET B 125 -12.11 10.57 -9.94
N VAL B 126 -11.40 9.96 -10.90
CA VAL B 126 -10.59 8.78 -10.58
C VAL B 126 -9.43 9.09 -9.65
N PRO B 127 -8.69 10.20 -9.79
CA PRO B 127 -7.61 10.45 -8.81
C PRO B 127 -8.09 10.39 -7.36
N ILE B 128 -9.32 10.81 -7.08
CA ILE B 128 -9.84 10.79 -5.72
C ILE B 128 -10.26 9.37 -5.32
N ILE B 129 -10.71 8.60 -6.30
CA ILE B 129 -11.29 7.28 -6.02
C ILE B 129 -10.22 6.21 -5.91
N ALA B 130 -9.12 6.35 -6.65
CA ALA B 130 -8.08 5.33 -6.61
C ALA B 130 -7.55 5.13 -5.19
N GLN B 131 -7.62 6.16 -4.35
CA GLN B 131 -7.17 6.08 -2.97
C GLN B 131 -7.80 4.91 -2.23
N TYR B 132 -9.12 4.73 -2.40
CA TYR B 132 -9.80 3.68 -1.66
C TYR B 132 -9.36 2.30 -2.14
N GLY B 133 -8.71 2.23 -3.30
CA GLY B 133 -8.08 0.99 -3.70
C GLY B 133 -6.92 0.60 -2.80
N ASP B 134 -6.16 1.59 -2.32
CA ASP B 134 -5.03 1.25 -1.45
C ASP B 134 -5.55 0.76 -0.10
N VAL B 135 -6.58 1.42 0.42
CA VAL B 135 -7.23 0.96 1.65
C VAL B 135 -7.75 -0.46 1.45
N LEU B 136 -8.37 -0.73 0.30
CA LEU B 136 -8.86 -2.08 0.01
C LEU B 136 -7.72 -3.10 0.09
N VAL B 137 -6.59 -2.79 -0.54
CA VAL B 137 -5.42 -3.69 -0.51
C VAL B 137 -4.94 -3.92 0.91
N ARG B 138 -4.90 -2.86 1.72
CA ARG B 138 -4.47 -3.00 3.11
C ARG B 138 -5.40 -3.94 3.89
N ASN B 139 -6.72 -3.75 3.74
CA ASN B 139 -7.70 -4.61 4.42
C ASN B 139 -7.59 -6.06 3.96
N LEU B 140 -7.37 -6.26 2.67
CA LEU B 140 -7.23 -7.63 2.18
C LEU B 140 -5.92 -8.25 2.67
N ARG B 141 -4.84 -7.47 2.69
CA ARG B 141 -3.56 -8.01 3.16
CA ARG B 141 -3.56 -8.02 3.16
C ARG B 141 -3.67 -8.45 4.61
N ARG B 142 -4.38 -7.69 5.43
CA ARG B 142 -4.51 -8.05 6.83
C ARG B 142 -5.26 -9.36 7.02
N GLU B 143 -6.29 -9.62 6.19
CA GLU B 143 -7.05 -10.86 6.37
C GLU B 143 -6.34 -12.04 5.73
N ALA B 144 -5.70 -11.82 4.58
CA ALA B 144 -5.12 -12.92 3.81
C ALA B 144 -3.80 -13.44 4.38
N GLU B 145 -3.08 -12.65 5.17
CA GLU B 145 -1.70 -13.01 5.51
C GLU B 145 -1.60 -14.15 6.51
N THR B 146 -2.64 -14.41 7.29
CA THR B 146 -2.62 -15.55 8.20
C THR B 146 -2.75 -16.90 7.48
N GLY B 147 -2.95 -16.91 6.16
CA GLY B 147 -3.23 -18.16 5.47
C GLY B 147 -4.65 -18.67 5.65
N LYS B 148 -5.54 -17.89 6.26
CA LYS B 148 -6.93 -18.27 6.44
C LYS B 148 -7.74 -18.02 5.18
N PRO B 149 -8.93 -18.62 5.08
CA PRO B 149 -9.87 -18.22 4.03
C PRO B 149 -10.41 -16.82 4.28
N VAL B 150 -10.55 -16.05 3.19
CA VAL B 150 -11.04 -14.68 3.22
C VAL B 150 -12.49 -14.63 2.76
N THR B 151 -13.32 -13.90 3.50
CA THR B 151 -14.73 -13.69 3.17
C THR B 151 -14.82 -12.46 2.28
N LEU B 152 -15.03 -12.69 0.98
CA LEU B 152 -14.89 -11.62 -0.01
C LEU B 152 -15.73 -10.39 0.34
N LYS B 153 -16.95 -10.61 0.83
CA LYS B 153 -17.86 -9.51 1.13
C LYS B 153 -17.25 -8.53 2.11
N HIS B 154 -16.44 -9.00 3.05
CA HIS B 154 -16.03 -8.12 4.13
C HIS B 154 -15.12 -7.01 3.62
N VAL B 155 -14.17 -7.31 2.73
CA VAL B 155 -13.34 -6.24 2.19
C VAL B 155 -14.01 -5.57 1.00
N PHE B 156 -14.68 -6.32 0.12
CA PHE B 156 -15.28 -5.69 -1.05
C PHE B 156 -16.51 -4.87 -0.68
N GLY B 157 -17.26 -5.30 0.34
CA GLY B 157 -18.37 -4.46 0.80
C GLY B 157 -17.87 -3.13 1.31
N ALA B 158 -16.83 -3.15 2.16
CA ALA B 158 -16.23 -1.94 2.70
C ALA B 158 -15.78 -1.01 1.59
N TYR B 159 -15.07 -1.54 0.59
CA TYR B 159 -14.65 -0.72 -0.54
C TYR B 159 -15.84 -0.06 -1.21
N SER B 160 -16.86 -0.85 -1.55
CA SER B 160 -18.01 -0.27 -2.24
C SER B 160 -18.66 0.81 -1.40
N MET B 161 -18.88 0.53 -0.12
CA MET B 161 -19.47 1.55 0.75
C MET B 161 -18.58 2.78 0.87
N ASP B 162 -17.29 2.57 1.15
CA ASP B 162 -16.37 3.70 1.26
C ASP B 162 -16.44 4.57 0.01
N VAL B 163 -16.37 3.94 -1.17
CA VAL B 163 -16.33 4.70 -2.41
C VAL B 163 -17.61 5.48 -2.62
N ILE B 164 -18.77 4.80 -2.57
CA ILE B 164 -20.00 5.49 -2.93
C ILE B 164 -20.39 6.50 -1.85
N THR B 165 -20.13 6.21 -0.58
CA THR B 165 -20.48 7.17 0.46
C THR B 165 -19.57 8.39 0.40
N SER B 166 -18.29 8.19 0.08
CA SER B 166 -17.36 9.31 0.03
C SER B 166 -17.74 10.30 -1.06
N THR B 167 -17.96 9.80 -2.27
CA THR B 167 -18.27 10.68 -3.39
CA THR B 167 -18.26 10.70 -3.37
C THR B 167 -19.69 11.22 -3.32
N SER B 168 -20.61 10.51 -2.67
CA SER B 168 -21.99 10.98 -2.59
C SER B 168 -22.18 12.03 -1.51
N PHE B 169 -21.60 11.80 -0.32
CA PHE B 169 -21.71 12.76 0.76
C PHE B 169 -20.56 13.75 0.81
N GLY B 170 -19.45 13.47 0.12
CA GLY B 170 -18.33 14.37 0.15
C GLY B 170 -17.50 14.32 1.41
N VAL B 171 -17.29 13.14 1.98
CA VAL B 171 -16.32 12.95 3.06
C VAL B 171 -15.56 11.66 2.79
N SER B 172 -14.26 11.67 3.02
CA SER B 172 -13.49 10.43 3.00
C SER B 172 -13.88 9.59 4.20
N ILE B 173 -14.23 8.34 3.95
CA ILE B 173 -14.51 7.40 5.03
C ILE B 173 -13.69 6.14 4.78
N ASP B 174 -13.46 5.42 5.87
CA ASP B 174 -12.68 4.18 5.87
C ASP B 174 -13.42 3.30 6.87
N SER B 175 -14.30 2.43 6.35
CA SER B 175 -15.24 1.73 7.23
CA SER B 175 -15.25 1.74 7.23
C SER B 175 -14.54 0.72 8.11
N LEU B 176 -13.53 0.03 7.59
CA LEU B 176 -12.90 -1.00 8.41
C LEU B 176 -11.85 -0.41 9.36
N ASN B 177 -10.95 0.44 8.85
CA ASN B 177 -9.86 0.97 9.66
C ASN B 177 -10.26 2.14 10.54
N ASN B 178 -11.45 2.71 10.35
CA ASN B 178 -11.98 3.74 11.23
C ASN B 178 -13.48 3.51 11.40
N PRO B 179 -13.88 2.36 11.96
CA PRO B 179 -15.30 1.99 11.95
C PRO B 179 -16.17 2.81 12.89
N GLN B 180 -15.59 3.54 13.83
CA GLN B 180 -16.38 4.39 14.73
C GLN B 180 -16.66 5.76 14.15
N ASP B 181 -16.19 6.04 12.94
CA ASP B 181 -16.65 7.19 12.17
C ASP B 181 -18.18 7.27 12.23
N PRO B 182 -18.76 8.41 12.61
CA PRO B 182 -20.23 8.46 12.68
C PRO B 182 -20.89 8.28 11.33
N PHE B 183 -20.28 8.81 10.27
CA PHE B 183 -20.79 8.57 8.92
C PHE B 183 -20.87 7.08 8.60
N VAL B 184 -19.85 6.32 9.02
CA VAL B 184 -19.86 4.88 8.78
C VAL B 184 -21.09 4.24 9.44
N GLU B 185 -21.23 4.44 10.75
CA GLU B 185 -22.30 3.77 11.47
C GLU B 185 -23.67 4.17 10.95
N ASN B 186 -23.85 5.44 10.57
CA ASN B 186 -25.14 5.89 10.07
C ASN B 186 -25.43 5.36 8.67
N THR B 187 -24.43 5.43 7.77
CA THR B 187 -24.62 4.86 6.43
C THR B 187 -24.93 3.37 6.52
N LYS B 188 -24.17 2.64 7.34
CA LYS B 188 -24.50 1.24 7.58
C LYS B 188 -25.92 1.09 8.08
N LYS B 189 -26.34 2.00 8.98
CA LYS B 189 -27.71 1.96 9.45
C LYS B 189 -28.69 2.32 8.33
N LEU B 190 -28.33 3.31 7.49
CA LEU B 190 -29.17 3.67 6.36
C LEU B 190 -29.37 2.49 5.43
N LEU B 191 -28.28 1.80 5.09
CA LEU B 191 -28.34 0.64 4.19
C LEU B 191 -29.01 -0.57 4.82
N ARG B 192 -29.36 -0.51 6.11
CA ARG B 192 -30.16 -1.58 6.70
C ARG B 192 -31.49 -1.72 5.96
N PHE B 193 -32.01 -0.60 5.46
CA PHE B 193 -33.22 -0.62 4.67
C PHE B 193 -33.00 -1.44 3.40
N ASN B 194 -33.92 -2.37 3.15
CA ASN B 194 -33.88 -3.24 1.98
C ASN B 194 -35.28 -3.28 1.38
N PRO B 195 -35.39 -3.44 0.06
CA PRO B 195 -36.72 -3.50 -0.56
C PRO B 195 -37.53 -4.73 -0.18
N LEU B 196 -37.13 -5.43 0.89
CA LEU B 196 -37.79 -6.67 1.30
C LEU B 196 -38.25 -6.69 2.75
N ASP B 197 -38.09 -5.61 3.51
CA ASP B 197 -38.61 -5.60 4.87
C ASP B 197 -40.13 -5.72 4.83
N PRO B 198 -40.74 -6.30 5.87
CA PRO B 198 -42.17 -6.65 5.78
C PRO B 198 -43.11 -5.47 5.57
N PHE B 199 -42.68 -4.24 5.88
CA PHE B 199 -43.54 -3.09 5.65
C PHE B 199 -43.80 -2.89 4.16
N VAL B 200 -42.76 -2.93 3.33
CA VAL B 200 -42.97 -2.82 1.89
C VAL B 200 -43.69 -4.03 1.33
N LEU B 201 -43.59 -5.19 2.01
CA LEU B 201 -44.22 -6.40 1.50
C LEU B 201 -45.67 -6.56 1.96
N SER B 202 -46.11 -5.77 2.95
CA SER B 202 -47.53 -5.67 3.25
C SER B 202 -48.19 -4.58 2.42
N ILE B 203 -47.46 -3.51 2.09
CA ILE B 203 -47.99 -2.47 1.21
C ILE B 203 -48.36 -3.05 -0.15
N LYS B 204 -47.66 -4.10 -0.58
CA LYS B 204 -47.97 -4.73 -1.86
C LYS B 204 -49.28 -5.50 -1.81
N VAL B 205 -49.67 -6.02 -0.64
CA VAL B 205 -50.97 -6.70 -0.55
C VAL B 205 -52.11 -5.69 -0.48
N PHE B 206 -51.91 -4.56 0.20
CA PHE B 206 -52.89 -3.48 0.20
C PHE B 206 -52.25 -2.14 -0.16
N PRO B 207 -52.08 -1.86 -1.45
CA PRO B 207 -51.45 -0.59 -1.88
C PRO B 207 -52.29 0.65 -1.60
N PHE B 208 -53.60 0.52 -1.38
CA PHE B 208 -54.44 1.68 -1.10
C PHE B 208 -54.08 2.39 0.20
N LEU B 209 -53.26 1.76 1.05
CA LEU B 209 -52.82 2.37 2.30
C LEU B 209 -51.76 3.45 2.07
N THR B 210 -51.05 3.42 0.94
CA THR B 210 -49.96 4.39 0.75
C THR B 210 -50.42 5.84 0.86
N PRO B 211 -51.48 6.29 0.20
CA PRO B 211 -51.91 7.70 0.41
C PRO B 211 -52.22 8.04 1.87
N ILE B 212 -52.81 7.10 2.62
CA ILE B 212 -53.05 7.32 4.06
C ILE B 212 -51.74 7.62 4.76
N LEU B 213 -50.76 6.73 4.57
CA LEU B 213 -49.50 6.85 5.29
C LEU B 213 -48.81 8.17 4.96
N GLU B 214 -48.80 8.55 3.68
CA GLU B 214 -48.18 9.81 3.30
C GLU B 214 -48.91 11.00 3.89
N ALA B 215 -50.25 10.91 4.00
CA ALA B 215 -50.99 11.93 4.73
C ALA B 215 -50.50 12.05 6.18
N LEU B 216 -49.95 10.99 6.74
CA LEU B 216 -49.45 11.00 8.10
C LEU B 216 -47.94 11.21 8.16
N ASN B 217 -47.32 11.61 7.03
CA ASN B 217 -45.88 11.83 6.93
C ASN B 217 -45.09 10.56 7.29
N ILE B 218 -45.67 9.40 7.12
CA ILE B 218 -44.94 8.16 7.34
C ILE B 218 -44.17 7.82 6.08
N THR B 219 -42.97 7.27 6.25
CA THR B 219 -42.11 6.92 5.13
C THR B 219 -41.57 5.52 5.33
N VAL B 220 -41.27 4.85 4.22
CA VAL B 220 -40.67 3.53 4.31
CA VAL B 220 -40.67 3.52 4.31
C VAL B 220 -39.18 3.60 4.63
N PHE B 221 -38.54 4.74 4.42
CA PHE B 221 -37.12 4.91 4.67
C PHE B 221 -36.88 5.21 6.14
N PRO B 222 -35.64 5.01 6.64
CA PRO B 222 -35.32 5.39 8.01
C PRO B 222 -35.14 6.90 8.18
N ARG B 223 -36.20 7.60 8.60
CA ARG B 223 -36.14 9.07 8.70
C ARG B 223 -35.09 9.51 9.72
N GLU B 224 -34.92 8.72 10.78
CA GLU B 224 -33.84 8.82 11.72
C GLU B 224 -32.48 9.17 11.04
N VAL B 225 -31.94 8.21 10.27
CA VAL B 225 -30.64 8.35 9.71
C VAL B 225 -30.59 9.53 8.73
N ILE B 226 -31.59 9.58 7.82
CA ILE B 226 -31.63 10.63 6.79
C ILE B 226 -31.63 12.01 7.43
N SER B 227 -32.23 12.16 8.61
CA SER B 227 -32.16 13.42 9.32
C SER B 227 -30.72 13.77 9.68
N PHE B 228 -30.04 12.86 10.38
CA PHE B 228 -28.66 13.13 10.77
C PHE B 228 -27.77 13.34 9.55
N LEU B 229 -27.98 12.53 8.51
CA LEU B 229 -27.13 12.62 7.31
C LEU B 229 -27.29 13.97 6.63
N THR B 230 -28.53 14.45 6.48
CA THR B 230 -28.77 15.77 5.91
C THR B 230 -28.04 16.86 6.69
N LYS B 231 -28.23 16.88 8.01
CA LYS B 231 -27.55 17.87 8.83
C LYS B 231 -26.04 17.79 8.65
N SER B 232 -25.51 16.57 8.51
CA SER B 232 -24.07 16.41 8.32
C SER B 232 -23.62 16.99 6.98
N VAL B 233 -24.35 16.70 5.91
CA VAL B 233 -23.96 17.20 4.59
C VAL B 233 -23.99 18.72 4.56
N LYS B 234 -24.97 19.33 5.25
CA LYS B 234 -25.12 20.78 5.19
C LYS B 234 -23.90 21.49 5.76
N GLN B 235 -23.35 20.98 6.86
CA GLN B 235 -22.11 21.54 7.38
C GLN B 235 -20.99 21.43 6.36
N ILE B 236 -20.90 20.27 5.69
CA ILE B 236 -19.88 20.06 4.67
C ILE B 236 -20.01 21.08 3.54
N LYS B 237 -21.26 21.44 3.20
CA LYS B 237 -21.48 22.34 2.07
C LYS B 237 -20.98 23.75 2.36
N GLU B 238 -20.94 24.14 3.62
CA GLU B 238 -20.46 25.47 3.99
C GLU B 238 -18.94 25.53 4.11
N GLY B 239 -18.31 24.43 4.53
CA GLY B 239 -16.85 24.43 4.61
C GLY B 239 -16.20 24.57 3.25
N ARG B 240 -16.83 24.00 2.22
CA ARG B 240 -16.31 24.07 0.86
C ARG B 240 -16.52 25.46 0.26
N LEU B 241 -17.55 26.15 0.73
CA LEU B 241 -17.86 27.49 0.23
C LEU B 241 -16.71 28.45 0.48
N LYS B 242 -15.85 28.17 1.53
CA LYS B 242 -14.67 29.00 1.80
C LYS B 242 -13.39 28.19 1.54
N ARG B 248 -12.75 18.43 -3.96
CA ARG B 248 -13.81 19.23 -4.56
C ARG B 248 -14.28 18.82 -5.95
N VAL B 249 -14.33 17.51 -6.19
CA VAL B 249 -14.77 16.98 -7.48
C VAL B 249 -15.65 15.74 -7.37
N ASP B 250 -16.21 15.51 -6.18
CA ASP B 250 -17.07 14.37 -5.95
C ASP B 250 -18.48 14.61 -6.45
N PHE B 251 -19.34 13.63 -6.38
CA PHE B 251 -20.73 13.80 -6.82
C PHE B 251 -21.39 14.98 -6.13
N LEU B 252 -21.05 15.21 -4.85
CA LEU B 252 -21.60 16.35 -4.13
C LEU B 252 -21.25 17.66 -4.83
N GLN B 253 -19.97 17.86 -5.13
CA GLN B 253 -19.54 19.09 -5.78
C GLN B 253 -20.22 19.26 -7.13
N LEU B 254 -20.22 18.20 -7.94
CA LEU B 254 -20.80 18.28 -9.27
C LEU B 254 -22.30 18.63 -9.23
N MET B 255 -23.01 18.18 -8.18
CA MET B 255 -24.41 18.59 -8.05
C MET B 255 -24.54 19.99 -7.47
N ILE B 256 -23.62 20.37 -6.58
CA ILE B 256 -23.57 21.74 -6.08
C ILE B 256 -23.32 22.72 -7.21
N ASP B 257 -22.29 22.45 -8.02
CA ASP B 257 -21.97 23.33 -9.14
C ASP B 257 -23.15 23.50 -10.08
N SER B 258 -23.87 22.41 -10.32
CA SER B 258 -25.03 22.43 -11.20
C SER B 258 -26.10 23.37 -10.67
N GLN B 259 -26.12 23.57 -9.36
CA GLN B 259 -27.09 24.45 -8.72
C GLN B 259 -27.01 25.87 -9.29
N ASN B 260 -26.05 26.08 -10.19
CA ASN B 260 -25.86 27.39 -10.80
C ASN B 260 -26.27 27.40 -12.27
N SER B 264 -30.88 30.05 -16.16
CA SER B 264 -31.46 28.74 -16.29
C SER B 264 -31.22 28.06 -17.64
N GLU B 265 -31.54 26.79 -17.71
CA GLU B 265 -31.41 26.03 -18.92
C GLU B 265 -32.80 25.54 -18.99
N THR B 266 -32.99 24.42 -19.64
CA THR B 266 -34.30 23.86 -19.80
C THR B 266 -35.03 23.50 -18.54
N HIS B 267 -34.34 23.44 -17.40
CA HIS B 267 -34.99 23.12 -16.13
C HIS B 267 -34.43 23.99 -15.01
N LYS B 268 -35.28 24.26 -14.02
CA LYS B 268 -34.79 24.88 -12.78
C LYS B 268 -33.80 23.97 -12.07
N ALA B 269 -32.93 24.58 -11.28
CA ALA B 269 -31.85 23.87 -10.61
C ALA B 269 -32.38 22.86 -9.58
N LEU B 270 -31.48 21.98 -9.11
CA LEU B 270 -31.81 21.10 -8.01
C LEU B 270 -31.97 21.92 -6.73
N SER B 271 -33.04 21.68 -6.00
CA SER B 271 -33.10 22.24 -4.65
C SER B 271 -32.12 21.48 -3.76
N ASP B 272 -31.73 22.13 -2.66
CA ASP B 272 -30.86 21.43 -1.71
C ASP B 272 -31.51 20.12 -1.25
N LEU B 273 -32.83 20.11 -1.11
CA LEU B 273 -33.51 18.89 -0.71
C LEU B 273 -33.46 17.84 -1.82
N GLU B 274 -33.61 18.26 -3.07
CA GLU B 274 -33.49 17.31 -4.17
C GLU B 274 -32.07 16.77 -4.27
N LEU B 275 -31.07 17.64 -4.05
CA LEU B 275 -29.68 17.20 -4.06
C LEU B 275 -29.43 16.11 -3.02
N MET B 276 -29.93 16.31 -1.79
CA MET B 276 -29.72 15.31 -0.74
C MET B 276 -30.32 13.97 -1.13
N ALA B 277 -31.51 14.00 -1.74
CA ALA B 277 -32.18 12.75 -2.10
C ALA B 277 -31.37 11.94 -3.10
N GLN B 278 -30.71 12.62 -4.06
CA GLN B 278 -29.88 11.90 -5.02
C GLN B 278 -28.65 11.29 -4.34
N SER B 279 -28.01 12.04 -3.43
CA SER B 279 -26.89 11.47 -2.70
C SER B 279 -27.30 10.20 -1.99
N ILE B 280 -28.47 10.20 -1.37
CA ILE B 280 -28.94 9.03 -0.64
C ILE B 280 -29.20 7.87 -1.61
N ILE B 281 -29.90 8.18 -2.72
CA ILE B 281 -30.24 7.11 -3.66
C ILE B 281 -29.00 6.59 -4.35
N PHE B 282 -27.96 7.41 -4.52
CA PHE B 282 -26.73 6.90 -5.11
C PHE B 282 -26.15 5.78 -4.26
N ILE B 283 -26.19 5.95 -2.94
CA ILE B 283 -25.62 4.93 -2.07
C ILE B 283 -26.49 3.68 -2.09
N PHE B 284 -27.82 3.83 -2.09
CA PHE B 284 -28.68 2.66 -2.24
C PHE B 284 -28.44 1.96 -3.57
N ALA B 285 -28.25 2.74 -4.63
CA ALA B 285 -28.16 2.14 -5.96
C ALA B 285 -26.80 1.47 -6.17
N GLY B 286 -25.75 2.01 -5.57
CA GLY B 286 -24.40 1.55 -5.88
C GLY B 286 -23.71 0.69 -4.84
N TYR B 287 -24.23 0.62 -3.61
CA TYR B 287 -23.50 -0.11 -2.57
C TYR B 287 -23.55 -1.63 -2.81
N GLU B 288 -24.74 -2.23 -2.72
CA GLU B 288 -24.80 -3.68 -2.70
C GLU B 288 -24.55 -4.30 -4.06
N THR B 289 -24.97 -3.61 -5.12
CA THR B 289 -24.65 -4.02 -6.49
C THR B 289 -23.15 -4.14 -6.69
N THR B 290 -22.40 -3.07 -6.44
CA THR B 290 -20.95 -3.09 -6.67
C THR B 290 -20.26 -4.16 -5.81
N SER B 291 -20.70 -4.33 -4.56
CA SER B 291 -20.07 -5.35 -3.72
C SER B 291 -20.27 -6.75 -4.29
N SER B 292 -21.54 -7.12 -4.57
CA SER B 292 -21.85 -8.47 -5.03
C SER B 292 -21.15 -8.81 -6.35
N VAL B 293 -21.12 -7.87 -7.31
CA VAL B 293 -20.45 -8.14 -8.57
C VAL B 293 -18.95 -8.31 -8.35
N LEU B 294 -18.33 -7.44 -7.54
CA LEU B 294 -16.89 -7.58 -7.30
C LEU B 294 -16.56 -8.96 -6.74
N SER B 295 -17.39 -9.47 -5.80
CA SER B 295 -17.19 -10.81 -5.25
C SER B 295 -17.44 -11.89 -6.29
N PHE B 296 -18.44 -11.71 -7.15
CA PHE B 296 -18.70 -12.69 -8.20
C PHE B 296 -17.54 -12.75 -9.18
N ILE B 297 -16.94 -11.60 -9.48
CA ILE B 297 -15.79 -11.56 -10.38
C ILE B 297 -14.62 -12.31 -9.78
N ILE B 298 -14.28 -12.02 -8.50
CA ILE B 298 -13.16 -12.71 -7.87
C ILE B 298 -13.42 -14.21 -7.78
N TYR B 299 -14.69 -14.60 -7.57
CA TYR B 299 -15.04 -16.02 -7.57
C TYR B 299 -14.75 -16.65 -8.92
N GLU B 300 -15.03 -15.93 -10.00
CA GLU B 300 -14.81 -16.52 -11.32
C GLU B 300 -13.33 -16.62 -11.62
N LEU B 301 -12.55 -15.64 -11.18
CA LEU B 301 -11.10 -15.69 -11.38
C LEU B 301 -10.48 -16.85 -10.61
N ALA B 302 -10.87 -17.01 -9.33
CA ALA B 302 -10.29 -18.07 -8.52
C ALA B 302 -10.59 -19.45 -9.09
N THR B 303 -11.83 -19.65 -9.54
CA THR B 303 -12.26 -20.92 -10.14
C THR B 303 -11.84 -21.09 -11.59
N HIS B 304 -11.29 -20.03 -12.23
CA HIS B 304 -10.76 -20.12 -13.59
C HIS B 304 -9.35 -19.55 -13.59
N PRO B 305 -8.37 -20.34 -13.14
CA PRO B 305 -7.03 -19.78 -12.89
C PRO B 305 -6.38 -19.16 -14.11
N ASP B 306 -6.57 -19.76 -15.29
CA ASP B 306 -6.01 -19.18 -16.51
C ASP B 306 -6.52 -17.77 -16.75
N VAL B 307 -7.83 -17.55 -16.56
CA VAL B 307 -8.38 -16.22 -16.78
C VAL B 307 -7.75 -15.22 -15.82
N GLN B 308 -7.61 -15.60 -14.54
CA GLN B 308 -6.90 -14.74 -13.61
C GLN B 308 -5.49 -14.42 -14.09
N GLN B 309 -4.73 -15.46 -14.47
CA GLN B 309 -3.38 -15.24 -14.98
C GLN B 309 -3.39 -14.31 -16.18
N LYS B 310 -4.28 -14.55 -17.14
CA LYS B 310 -4.34 -13.68 -18.31
C LYS B 310 -4.72 -12.25 -17.92
N VAL B 311 -5.59 -12.10 -16.93
CA VAL B 311 -5.95 -10.77 -16.45
C VAL B 311 -4.75 -10.07 -15.83
N GLN B 312 -4.03 -10.79 -14.97
CA GLN B 312 -2.82 -10.23 -14.36
C GLN B 312 -1.76 -9.90 -15.41
N LYS B 313 -1.59 -10.77 -16.40
CA LYS B 313 -0.66 -10.48 -17.48
C LYS B 313 -1.00 -9.16 -18.15
N GLU B 314 -2.29 -8.95 -18.47
CA GLU B 314 -2.69 -7.68 -19.07
C GLU B 314 -2.42 -6.51 -18.12
N ILE B 315 -2.71 -6.69 -16.83
CA ILE B 315 -2.47 -5.61 -15.87
C ILE B 315 -0.99 -5.27 -15.80
N ASP B 316 -0.14 -6.29 -15.71
CA ASP B 316 1.30 -6.04 -15.65
C ASP B 316 1.81 -5.38 -16.92
N THR B 317 1.16 -5.63 -18.06
CA THR B 317 1.58 -5.02 -19.31
C THR B 317 1.26 -3.52 -19.36
N VAL B 318 0.09 -3.13 -18.85
CA VAL B 318 -0.36 -1.75 -18.88
C VAL B 318 0.10 -0.98 -17.64
N LEU B 319 0.15 -1.63 -16.49
CA LEU B 319 0.57 -1.00 -15.23
C LEU B 319 1.70 -1.83 -14.61
N PRO B 320 2.88 -1.81 -15.23
CA PRO B 320 3.99 -2.64 -14.73
C PRO B 320 4.42 -2.20 -13.35
N ASN B 321 4.90 -3.18 -12.56
CA ASN B 321 5.59 -2.88 -11.31
C ASN B 321 4.66 -2.22 -10.31
N LYS B 322 3.38 -2.63 -10.32
CA LYS B 322 2.37 -2.13 -9.38
C LYS B 322 2.11 -0.64 -9.55
N ALA B 323 2.25 -0.12 -10.77
CA ALA B 323 1.90 1.27 -11.00
C ALA B 323 0.43 1.51 -10.70
N PRO B 324 0.08 2.65 -10.11
CA PRO B 324 -1.30 2.89 -9.71
C PRO B 324 -2.20 2.99 -10.93
N PRO B 325 -3.42 2.47 -10.84
CA PRO B 325 -4.35 2.59 -11.97
C PRO B 325 -4.85 4.02 -12.14
N THR B 326 -5.01 4.43 -13.38
CA THR B 326 -5.58 5.71 -13.74
C THR B 326 -6.74 5.46 -14.70
N TYR B 327 -7.51 6.53 -14.99
CA TYR B 327 -8.65 6.35 -15.87
C TYR B 327 -8.20 5.93 -17.26
N ASP B 328 -7.13 6.53 -17.76
CA ASP B 328 -6.66 6.21 -19.10
C ASP B 328 -6.02 4.83 -19.16
N THR B 329 -5.39 4.37 -18.08
CA THR B 329 -4.82 3.03 -18.15
C THR B 329 -5.89 1.97 -18.00
N VAL B 330 -6.76 2.13 -17.00
CA VAL B 330 -7.86 1.19 -16.79
C VAL B 330 -8.73 1.07 -18.05
N LEU B 331 -8.87 2.16 -18.81
CA LEU B 331 -9.55 2.10 -20.10
C LEU B 331 -8.88 1.12 -21.06
N GLN B 332 -7.60 0.81 -20.87
CA GLN B 332 -6.90 -0.07 -21.79
C GLN B 332 -7.03 -1.55 -21.44
N LEU B 333 -7.73 -1.89 -20.37
CA LEU B 333 -7.78 -3.29 -19.93
C LEU B 333 -8.94 -3.98 -20.65
N GLU B 334 -8.71 -4.30 -21.93
CA GLU B 334 -9.76 -4.84 -22.79
C GLU B 334 -10.21 -6.22 -22.31
N TYR B 335 -9.27 -7.07 -21.91
CA TYR B 335 -9.65 -8.40 -21.45
C TYR B 335 -10.31 -8.35 -20.08
N LEU B 336 -9.89 -7.43 -19.22
CA LEU B 336 -10.59 -7.28 -17.94
C LEU B 336 -12.05 -6.88 -18.17
N ASP B 337 -12.31 -6.03 -19.17
CA ASP B 337 -13.69 -5.70 -19.53
C ASP B 337 -14.47 -6.94 -19.91
N MET B 338 -13.84 -7.85 -20.66
CA MET B 338 -14.49 -9.09 -21.04
C MET B 338 -14.87 -9.89 -19.80
N VAL B 339 -13.97 -9.96 -18.82
CA VAL B 339 -14.24 -10.74 -17.62
C VAL B 339 -15.44 -10.15 -16.87
N VAL B 340 -15.42 -8.83 -16.67
CA VAL B 340 -16.49 -8.16 -15.94
C VAL B 340 -17.83 -8.37 -16.65
N ASN B 341 -17.83 -8.23 -17.96
CA ASN B 341 -19.06 -8.39 -18.73
C ASN B 341 -19.58 -9.82 -18.66
N GLU B 342 -18.68 -10.80 -18.75
CA GLU B 342 -19.10 -12.19 -18.64
C GLU B 342 -19.61 -12.51 -17.24
N THR B 343 -19.01 -11.91 -16.21
CA THR B 343 -19.51 -12.15 -14.86
C THR B 343 -20.90 -11.56 -14.69
N LEU B 344 -21.11 -10.35 -15.23
CA LEU B 344 -22.42 -9.73 -15.11
C LEU B 344 -23.47 -10.47 -15.94
N ARG B 345 -23.07 -11.15 -17.02
CA ARG B 345 -24.01 -12.01 -17.73
C ARG B 345 -24.47 -13.17 -16.85
N LEU B 346 -23.53 -13.90 -16.25
CA LEU B 346 -23.90 -14.99 -15.36
C LEU B 346 -24.64 -14.50 -14.12
N PHE B 347 -24.35 -13.28 -13.66
CA PHE B 347 -24.90 -12.77 -12.41
C PHE B 347 -25.45 -11.34 -12.59
N PRO B 348 -26.54 -11.18 -13.35
CA PRO B 348 -27.19 -9.87 -13.39
C PRO B 348 -27.91 -9.61 -12.07
N VAL B 349 -27.28 -8.87 -11.16
CA VAL B 349 -27.73 -8.88 -9.78
C VAL B 349 -29.10 -8.24 -9.60
N ALA B 350 -29.57 -7.43 -10.56
CA ALA B 350 -30.94 -6.94 -10.49
C ALA B 350 -31.97 -8.00 -10.89
N MET B 351 -31.56 -9.00 -11.66
CA MET B 351 -32.41 -10.12 -12.05
C MET B 351 -33.39 -9.67 -13.12
N ARG B 352 -34.19 -8.64 -12.86
CA ARG B 352 -35.16 -8.18 -13.83
C ARG B 352 -35.20 -6.68 -13.90
N LEU B 353 -35.75 -6.19 -15.01
CA LEU B 353 -36.17 -4.82 -15.18
C LEU B 353 -37.69 -4.77 -15.14
N GLU B 354 -38.27 -3.62 -14.78
CA GLU B 354 -39.72 -3.41 -14.76
C GLU B 354 -40.06 -2.00 -15.23
N ARG B 355 -41.22 -1.86 -15.90
CA ARG B 355 -41.79 -0.56 -16.24
C ARG B 355 -43.30 -0.62 -16.07
N VAL B 356 -43.88 0.42 -15.47
CA VAL B 356 -45.34 0.49 -15.41
C VAL B 356 -45.89 0.94 -16.75
N CYS B 357 -46.95 0.26 -17.22
CA CYS B 357 -47.64 0.65 -18.44
C CYS B 357 -48.58 1.80 -18.10
N LYS B 358 -48.33 2.98 -18.68
CA LYS B 358 -49.11 4.16 -18.33
C LYS B 358 -50.51 4.14 -18.93
N LYS B 359 -50.70 3.48 -20.07
CA LYS B 359 -51.96 3.54 -20.79
C LYS B 359 -52.00 2.38 -21.76
N ASP B 360 -53.20 2.04 -22.22
CA ASP B 360 -53.37 0.92 -23.15
C ASP B 360 -52.48 1.09 -24.36
N VAL B 361 -51.84 -0.01 -24.77
CA VAL B 361 -51.01 0.02 -25.98
C VAL B 361 -50.84 -1.38 -26.54
N GLU B 362 -50.36 -1.40 -27.78
CA GLU B 362 -50.19 -2.62 -28.55
C GLU B 362 -48.82 -2.49 -29.17
N ILE B 363 -47.87 -3.30 -28.70
CA ILE B 363 -46.50 -3.19 -29.14
C ILE B 363 -46.12 -4.50 -29.83
N ASN B 364 -45.51 -4.39 -31.01
CA ASN B 364 -45.04 -5.53 -31.79
C ASN B 364 -46.05 -6.67 -31.80
N GLY B 365 -47.34 -6.33 -31.84
CA GLY B 365 -48.39 -7.32 -31.99
C GLY B 365 -49.01 -7.83 -30.72
N MET B 366 -48.80 -7.16 -29.59
CA MET B 366 -49.34 -7.63 -28.31
C MET B 366 -49.99 -6.47 -27.57
N PHE B 367 -51.23 -6.69 -27.14
CA PHE B 367 -51.95 -5.66 -26.39
C PHE B 367 -51.58 -5.74 -24.93
N ILE B 368 -51.33 -4.58 -24.32
CA ILE B 368 -50.93 -4.48 -22.92
C ILE B 368 -51.80 -3.42 -22.27
N PRO B 369 -52.60 -3.77 -21.27
CA PRO B 369 -53.56 -2.81 -20.71
C PRO B 369 -52.92 -1.88 -19.68
N LYS B 370 -53.55 -0.73 -19.51
CA LYS B 370 -53.13 0.25 -18.52
C LYS B 370 -52.90 -0.40 -17.16
N GLY B 371 -51.86 0.07 -16.46
CA GLY B 371 -51.61 -0.32 -15.08
C GLY B 371 -50.85 -1.60 -14.87
N VAL B 372 -50.67 -2.41 -15.91
CA VAL B 372 -49.80 -3.57 -15.80
C VAL B 372 -48.35 -3.13 -15.65
N VAL B 373 -47.55 -3.96 -15.00
CA VAL B 373 -46.11 -3.81 -14.98
C VAL B 373 -45.54 -4.80 -15.98
N VAL B 374 -44.74 -4.29 -16.92
CA VAL B 374 -43.99 -5.14 -17.85
C VAL B 374 -42.64 -5.45 -17.23
N MET B 375 -42.20 -6.69 -17.38
CA MET B 375 -41.00 -7.16 -16.71
C MET B 375 -40.10 -7.86 -17.72
N ILE B 376 -38.82 -7.50 -17.72
CA ILE B 376 -37.86 -8.13 -18.61
C ILE B 376 -37.00 -9.07 -17.76
N PRO B 377 -37.12 -10.38 -17.90
CA PRO B 377 -36.32 -11.33 -17.11
C PRO B 377 -34.87 -11.42 -17.60
N SER B 378 -34.09 -10.41 -17.21
CA SER B 378 -32.68 -10.34 -17.56
C SER B 378 -31.97 -11.66 -17.28
N TYR B 379 -32.11 -12.16 -16.05
CA TYR B 379 -31.43 -13.40 -15.67
C TYR B 379 -31.81 -14.54 -16.60
N VAL B 380 -33.11 -14.66 -16.90
CA VAL B 380 -33.60 -15.68 -17.83
C VAL B 380 -32.98 -15.49 -19.20
N LEU B 381 -32.99 -14.26 -19.68
CA LEU B 381 -32.45 -13.96 -21.01
C LEU B 381 -30.93 -14.08 -21.06
N HIS B 382 -30.23 -13.92 -19.93
CA HIS B 382 -28.78 -14.10 -19.90
C HIS B 382 -28.37 -15.56 -19.91
N HIS B 383 -29.22 -16.46 -19.41
CA HIS B 383 -28.89 -17.88 -19.35
C HIS B 383 -29.61 -18.69 -20.43
N ASP B 384 -30.32 -18.02 -21.34
CA ASP B 384 -31.16 -18.62 -22.36
C ASP B 384 -30.34 -19.20 -23.51
N PRO B 385 -30.31 -20.52 -23.68
CA PRO B 385 -29.51 -21.10 -24.76
C PRO B 385 -29.96 -20.65 -26.14
N LYS B 386 -31.15 -20.07 -26.26
CA LYS B 386 -31.64 -19.50 -27.51
C LYS B 386 -30.74 -18.37 -28.02
N TYR B 387 -29.92 -17.79 -27.14
CA TYR B 387 -29.12 -16.63 -27.49
C TYR B 387 -27.66 -16.73 -27.07
N TRP B 388 -27.26 -17.76 -26.32
CA TRP B 388 -25.88 -17.92 -25.89
C TRP B 388 -25.49 -19.39 -26.05
N THR B 389 -24.23 -19.62 -26.41
CA THR B 389 -23.74 -20.98 -26.53
C THR B 389 -23.17 -21.42 -25.19
N GLU B 390 -23.63 -22.58 -24.71
CA GLU B 390 -23.28 -23.09 -23.38
C GLU B 390 -23.41 -21.97 -22.36
N PRO B 391 -24.63 -21.51 -22.08
CA PRO B 391 -24.77 -20.29 -21.27
C PRO B 391 -24.33 -20.45 -19.82
N GLU B 392 -24.22 -21.67 -19.30
CA GLU B 392 -23.76 -21.84 -17.93
C GLU B 392 -22.26 -21.79 -17.80
N LYS B 393 -21.53 -21.95 -18.90
CA LYS B 393 -20.07 -21.87 -18.85
C LYS B 393 -19.62 -20.42 -18.82
N PHE B 394 -18.62 -20.15 -17.99
CA PHE B 394 -17.99 -18.84 -17.90
C PHE B 394 -16.95 -18.72 -19.01
N LEU B 395 -17.25 -17.92 -20.04
CA LEU B 395 -16.36 -17.77 -21.19
C LEU B 395 -16.25 -16.30 -21.55
N PRO B 396 -15.21 -15.62 -21.04
CA PRO B 396 -15.11 -14.17 -21.26
C PRO B 396 -15.00 -13.77 -22.73
N GLU B 397 -14.79 -14.71 -23.64
CA GLU B 397 -14.51 -14.35 -25.02
CA GLU B 397 -14.51 -14.37 -25.02
C GLU B 397 -15.77 -14.04 -25.83
N ARG B 398 -16.96 -14.31 -25.29
CA ARG B 398 -18.16 -13.86 -25.99
C ARG B 398 -18.14 -12.35 -26.19
N PHE B 399 -17.38 -11.62 -25.36
CA PHE B 399 -17.31 -10.17 -25.44
C PHE B 399 -16.04 -9.65 -26.13
N SER B 400 -15.38 -10.49 -26.93
CA SER B 400 -14.26 -9.96 -27.70
C SER B 400 -14.80 -9.11 -28.85
N ALA B 401 -13.94 -8.20 -29.33
CA ALA B 401 -14.33 -7.37 -30.46
C ALA B 401 -14.77 -8.21 -31.65
N ALA B 402 -14.16 -9.39 -31.84
CA ALA B 402 -14.55 -10.29 -32.91
C ALA B 402 -15.95 -10.85 -32.75
N ASN B 403 -16.59 -10.66 -31.60
CA ASN B 403 -17.91 -11.22 -31.34
C ASN B 403 -18.90 -10.15 -30.90
N ALA B 404 -18.68 -8.90 -31.32
CA ALA B 404 -19.52 -7.80 -30.86
C ALA B 404 -20.96 -7.93 -31.33
N ASP B 405 -21.16 -8.33 -32.59
CA ASP B 405 -22.51 -8.43 -33.16
C ASP B 405 -23.28 -9.63 -32.65
N ASN B 406 -22.69 -10.45 -31.79
CA ASN B 406 -23.37 -11.59 -31.18
C ASN B 406 -24.00 -11.25 -29.83
N ILE B 407 -23.95 -9.99 -29.41
CA ILE B 407 -24.47 -9.53 -28.12
C ILE B 407 -25.65 -8.62 -28.40
N ASP B 408 -26.87 -9.14 -28.27
CA ASP B 408 -28.06 -8.32 -28.44
C ASP B 408 -28.29 -7.47 -27.19
N PRO B 409 -28.32 -6.14 -27.31
CA PRO B 409 -28.39 -5.30 -26.09
C PRO B 409 -29.75 -5.29 -25.42
N TYR B 410 -30.73 -6.04 -25.94
CA TYR B 410 -31.99 -6.25 -25.26
C TYR B 410 -32.10 -7.65 -24.70
N ILE B 411 -31.18 -8.53 -25.07
CA ILE B 411 -31.03 -9.80 -24.37
C ILE B 411 -30.10 -9.66 -23.17
N TYR B 412 -29.02 -8.88 -23.31
CA TYR B 412 -27.99 -8.69 -22.30
C TYR B 412 -28.16 -7.32 -21.66
N THR B 413 -28.76 -7.27 -20.46
CA THR B 413 -29.19 -6.02 -19.85
C THR B 413 -28.84 -5.93 -18.36
N PRO B 414 -27.59 -6.18 -17.97
CA PRO B 414 -27.23 -6.08 -16.53
C PRO B 414 -27.35 -4.66 -15.98
N PHE B 415 -27.36 -3.66 -16.85
CA PHE B 415 -27.53 -2.26 -16.45
C PHE B 415 -28.83 -1.67 -17.00
N GLY B 416 -29.77 -2.53 -17.44
CA GLY B 416 -30.94 -1.96 -18.04
C GLY B 416 -30.63 -1.42 -19.43
N SER B 417 -31.52 -0.57 -19.92
CA SER B 417 -31.45 -0.12 -21.31
C SER B 417 -32.34 1.10 -21.48
N GLY B 418 -31.97 1.94 -22.43
CA GLY B 418 -32.78 3.09 -22.78
C GLY B 418 -32.60 4.26 -21.85
N PRO B 419 -33.52 5.22 -21.92
CA PRO B 419 -33.38 6.46 -21.14
C PRO B 419 -33.42 6.26 -19.64
N ARG B 420 -34.06 5.18 -19.14
CA ARG B 420 -34.15 4.91 -17.71
C ARG B 420 -33.18 3.80 -17.28
N ASN B 421 -32.05 3.67 -17.97
CA ASN B 421 -31.06 2.67 -17.64
C ASN B 421 -30.20 3.16 -16.48
N CYS B 422 -29.30 2.31 -16.01
CA CYS B 422 -28.48 2.68 -14.86
C CYS B 422 -27.57 3.85 -15.20
N ILE B 423 -27.86 5.02 -14.63
CA ILE B 423 -27.08 6.22 -14.90
C ILE B 423 -25.67 6.12 -14.31
N GLY B 424 -25.47 5.21 -13.37
CA GLY B 424 -24.17 4.99 -12.76
C GLY B 424 -23.35 3.90 -13.40
N MET B 425 -23.82 3.34 -14.52
CA MET B 425 -23.10 2.24 -15.15
C MET B 425 -21.61 2.56 -15.32
N ARG B 426 -21.28 3.71 -15.91
CA ARG B 426 -19.88 3.96 -16.28
C ARG B 426 -18.99 4.08 -15.05
N PHE B 427 -19.45 4.83 -14.06
CA PHE B 427 -18.77 4.91 -12.77
C PHE B 427 -18.60 3.51 -12.15
N ALA B 428 -19.67 2.71 -12.16
CA ALA B 428 -19.59 1.37 -11.60
C ALA B 428 -18.49 0.56 -12.28
N LEU B 429 -18.48 0.56 -13.61
CA LEU B 429 -17.49 -0.25 -14.33
C LEU B 429 -16.07 0.23 -14.09
N VAL B 430 -15.85 1.54 -14.00
CA VAL B 430 -14.51 2.05 -13.73
C VAL B 430 -14.13 1.82 -12.27
N ASN B 431 -15.07 2.09 -11.35
CA ASN B 431 -14.83 1.85 -9.94
C ASN B 431 -14.45 0.40 -9.68
N MET B 432 -15.16 -0.53 -10.29
CA MET B 432 -14.80 -1.92 -10.07
C MET B 432 -13.42 -2.24 -10.62
N LYS B 433 -13.08 -1.66 -11.77
CA LYS B 433 -11.79 -1.96 -12.37
C LYS B 433 -10.65 -1.39 -11.54
N LEU B 434 -10.81 -0.16 -11.04
CA LEU B 434 -9.83 0.40 -10.11
C LEU B 434 -9.58 -0.56 -8.95
N ALA B 435 -10.65 -1.18 -8.44
CA ALA B 435 -10.54 -2.09 -7.31
C ALA B 435 -9.84 -3.39 -7.72
N LEU B 436 -10.25 -3.96 -8.85
CA LEU B 436 -9.70 -5.25 -9.24
C LEU B 436 -8.22 -5.14 -9.59
N VAL B 437 -7.82 -4.03 -10.25
CA VAL B 437 -6.40 -3.83 -10.56
C VAL B 437 -5.55 -3.86 -9.30
N ARG B 438 -5.87 -3.00 -8.32
CA ARG B 438 -5.07 -2.99 -7.10
CA ARG B 438 -5.10 -2.98 -7.07
C ARG B 438 -5.00 -4.36 -6.46
N VAL B 439 -6.12 -5.08 -6.40
CA VAL B 439 -6.17 -6.38 -5.75
C VAL B 439 -5.40 -7.43 -6.56
N LEU B 440 -5.46 -7.34 -7.89
CA LEU B 440 -4.83 -8.36 -8.72
C LEU B 440 -3.36 -8.04 -9.00
N GLN B 441 -2.93 -6.81 -8.72
CA GLN B 441 -1.51 -6.50 -8.66
C GLN B 441 -0.85 -7.10 -7.43
N ASN B 442 -1.62 -7.35 -6.37
CA ASN B 442 -1.05 -7.75 -5.09
C ASN B 442 -1.38 -9.18 -4.67
N PHE B 443 -2.39 -9.81 -5.26
CA PHE B 443 -2.82 -11.13 -4.83
C PHE B 443 -3.31 -11.95 -6.00
N SER B 444 -3.20 -13.27 -5.83
CA SER B 444 -3.88 -14.26 -6.66
C SER B 444 -4.86 -15.02 -5.76
N PHE B 445 -5.99 -15.43 -6.32
CA PHE B 445 -7.04 -16.06 -5.54
C PHE B 445 -7.19 -17.52 -5.92
N LYS B 446 -7.49 -18.35 -4.93
CA LYS B 446 -7.62 -19.78 -5.15
C LYS B 446 -8.79 -20.30 -4.34
N PRO B 447 -9.45 -21.36 -4.81
CA PRO B 447 -10.46 -22.02 -3.99
C PRO B 447 -9.83 -22.62 -2.75
N CYS B 448 -10.68 -22.85 -1.75
CA CYS B 448 -10.25 -23.53 -0.53
C CYS B 448 -11.33 -24.54 -0.18
N LYS B 449 -11.19 -25.16 1.00
CA LYS B 449 -12.14 -26.18 1.42
C LYS B 449 -13.56 -25.63 1.49
N GLU B 450 -13.70 -24.34 1.78
CA GLU B 450 -14.99 -23.74 2.10
C GLU B 450 -15.62 -23.02 0.91
N THR B 451 -14.91 -22.88 -0.20
CA THR B 451 -15.47 -22.26 -1.39
C THR B 451 -16.58 -23.13 -1.97
N GLN B 452 -17.81 -22.64 -1.93
CA GLN B 452 -18.98 -23.38 -2.43
C GLN B 452 -18.91 -23.46 -3.95
N ILE B 453 -18.59 -24.65 -4.47
CA ILE B 453 -18.50 -24.88 -5.90
C ILE B 453 -19.39 -26.05 -6.26
N PRO B 454 -20.38 -25.89 -7.17
CA PRO B 454 -20.66 -24.60 -7.81
C PRO B 454 -21.45 -23.66 -6.91
N LEU B 455 -21.42 -22.37 -7.25
CA LEU B 455 -22.06 -21.36 -6.42
C LEU B 455 -23.57 -21.55 -6.35
N LYS B 456 -24.12 -21.49 -5.13
CA LYS B 456 -25.55 -21.59 -4.87
C LYS B 456 -26.10 -20.22 -4.51
N LEU B 457 -27.18 -19.81 -5.17
CA LEU B 457 -27.79 -18.52 -4.91
C LEU B 457 -28.91 -18.64 -3.87
N ARG B 458 -29.42 -17.48 -3.45
CA ARG B 458 -30.44 -17.42 -2.40
C ARG B 458 -31.37 -16.24 -2.67
N PHE B 459 -32.60 -16.37 -2.18
CA PHE B 459 -33.64 -15.37 -2.40
C PHE B 459 -33.24 -14.01 -1.81
N GLY B 460 -33.60 -12.95 -2.51
CA GLY B 460 -33.38 -11.60 -2.02
C GLY B 460 -33.71 -10.56 -3.06
N GLY B 461 -33.64 -9.29 -2.65
CA GLY B 461 -33.92 -8.19 -3.56
C GLY B 461 -32.91 -8.04 -4.68
N LEU B 462 -31.68 -8.49 -4.44
CA LEU B 462 -30.67 -8.66 -5.47
C LEU B 462 -30.29 -10.12 -5.51
N LEU B 463 -29.47 -10.48 -6.48
CA LEU B 463 -28.89 -11.83 -6.52
C LEU B 463 -27.90 -12.00 -5.36
N LEU B 464 -28.22 -12.89 -4.42
CA LEU B 464 -27.36 -13.19 -3.29
C LEU B 464 -26.88 -14.64 -3.32
N THR B 465 -25.70 -14.87 -2.75
CA THR B 465 -25.20 -16.22 -2.58
C THR B 465 -25.81 -16.86 -1.34
N GLU B 466 -26.06 -18.17 -1.42
CA GLU B 466 -26.51 -18.97 -0.27
C GLU B 466 -25.60 -18.74 0.93
N LYS B 467 -24.31 -19.20 0.84
CA LYS B 467 -23.23 -18.98 1.78
C LYS B 467 -22.32 -17.87 1.29
N PRO B 468 -21.66 -17.13 2.20
CA PRO B 468 -20.71 -16.11 1.77
C PRO B 468 -19.56 -16.71 0.99
N ILE B 469 -19.05 -15.94 0.03
CA ILE B 469 -17.96 -16.43 -0.80
C ILE B 469 -16.66 -16.35 -0.01
N VAL B 470 -15.97 -17.47 0.11
CA VAL B 470 -14.77 -17.58 0.91
C VAL B 470 -13.69 -18.21 0.04
N LEU B 471 -12.54 -17.54 -0.05
CA LEU B 471 -11.47 -17.97 -0.92
C LEU B 471 -10.14 -17.80 -0.21
N LYS B 472 -9.11 -18.39 -0.80
CA LYS B 472 -7.74 -18.18 -0.36
C LYS B 472 -7.09 -17.13 -1.26
N ALA B 473 -6.30 -16.26 -0.65
CA ALA B 473 -5.64 -15.16 -1.38
C ALA B 473 -4.14 -15.20 -1.06
N GLU B 474 -3.33 -15.54 -2.05
CA GLU B 474 -1.89 -15.60 -1.91
C GLU B 474 -1.26 -14.34 -2.49
N SER B 475 -0.34 -13.73 -1.75
CA SER B 475 0.30 -12.52 -2.22
C SER B 475 1.23 -12.85 -3.38
N ARG B 476 1.34 -11.90 -4.32
CA ARG B 476 2.26 -12.04 -5.43
C ARG B 476 3.64 -11.56 -4.99
N ASP B 477 4.64 -12.44 -5.10
CA ASP B 477 5.98 -12.20 -4.55
C ASP B 477 5.94 -11.84 -3.07
CHA HEM C . 32.81 0.10 6.37
CHB HEM C . 29.70 3.73 7.12
CHC HEM C . 26.16 0.89 5.39
CHD HEM C . 29.27 -2.68 4.55
C1A HEM C . 32.30 1.33 6.72
C2A HEM C . 33.04 2.46 7.25
C3A HEM C . 32.17 3.45 7.45
C4A HEM C . 30.87 3.01 7.07
CMA HEM C . 32.51 4.85 8.01
CAA HEM C . 34.57 2.52 7.53
CBA HEM C . 35.30 2.82 6.22
CGA HEM C . 36.76 3.14 6.50
O1A HEM C . 37.36 3.82 5.63
O2A HEM C . 37.31 2.74 7.57
C1B HEM C . 28.45 3.27 6.71
C2B HEM C . 27.21 4.03 6.71
C3B HEM C . 26.22 3.22 6.24
C4B HEM C . 26.85 1.96 5.90
CMB HEM C . 27.10 5.50 7.21
CAB HEM C . 24.72 3.51 6.01
CBB HEM C . 24.19 4.75 5.90
C1C HEM C . 26.69 -0.30 4.94
C2C HEM C . 26.00 -1.33 4.19
C3C HEM C . 26.87 -2.33 3.96
C4C HEM C . 28.12 -1.93 4.56
CMC HEM C . 24.50 -1.23 3.77
CAC HEM C . 26.72 -3.68 3.21
CBC HEM C . 25.66 -4.01 2.47
C1D HEM C . 30.47 -2.23 5.01
C2D HEM C . 31.66 -3.04 5.06
C3D HEM C . 32.65 -2.29 5.54
C4D HEM C . 32.10 -0.97 5.84
CMD HEM C . 31.73 -4.51 4.60
CAD HEM C . 34.13 -2.70 5.75
CBD HEM C . 34.85 -2.52 4.41
CGD HEM C . 36.22 -3.18 4.41
O1D HEM C . 36.73 -3.54 3.32
O2D HEM C . 36.78 -3.37 5.52
NA HEM C . 30.98 1.71 6.63
NB HEM C . 28.21 2.01 6.20
NC HEM C . 27.99 -0.70 5.14
ND HEM C . 30.75 -0.98 5.51
FE HEM C . 29.53 0.62 5.63
S SO4 D . 19.45 24.97 11.91
O1 SO4 D . 19.69 26.39 11.67
O2 SO4 D . 20.26 24.19 11.00
O3 SO4 D . 19.82 24.63 13.29
O4 SO4 D . 18.04 24.66 11.70
S1 DTV E . 29.97 1.19 9.83
C1 DTV E . 30.98 0.97 11.32
C2 DTV E . 32.42 0.72 10.94
O2 DTV E . 33.24 1.31 11.87
C3 DTV E . 32.75 -0.85 10.97
O3 DTV E . 33.53 -1.06 9.82
C4 DTV E . 31.47 -1.73 10.92
S4 DTV E . 31.65 -3.07 9.67
S SO4 F . -2.53 -3.13 9.27
O1 SO4 F . -1.15 -2.79 8.95
O2 SO4 F . -3.32 -3.10 8.03
O3 SO4 F . -3.06 -2.14 10.21
O4 SO4 F . -2.57 -4.49 9.82
CHA HEM G . -30.65 1.84 -12.11
CHB HEM G . -27.70 -1.99 -12.17
CHC HEM G . -24.34 0.67 -9.88
CHD HEM G . -27.25 4.50 -9.90
C1A HEM G . -30.15 0.58 -12.33
C2A HEM G . -30.81 -0.49 -13.05
C3A HEM G . -29.98 -1.54 -13.06
C4A HEM G . -28.78 -1.17 -12.36
CMA HEM G . -30.21 -2.95 -13.68
CAA HEM G . -32.23 -0.42 -13.67
CBA HEM G . -32.12 0.08 -15.11
CGA HEM G . -33.44 -0.13 -15.82
O1A HEM G . -33.43 -0.18 -17.07
O2A HEM G . -34.48 -0.27 -15.12
C1B HEM G . -26.53 -1.59 -11.57
C2B HEM G . -25.37 -2.42 -11.36
C3B HEM G . -24.44 -1.69 -10.73
C4B HEM G . -25.00 -0.37 -10.51
CMB HEM G . -25.31 -3.88 -11.84
CAB HEM G . -22.99 -2.05 -10.27
CBB HEM G . -22.40 -3.23 -10.47
C1C HEM G . -24.82 1.95 -9.72
C2C HEM G . -24.05 3.07 -9.20
C3C HEM G . -24.88 4.13 -9.19
C4C HEM G . -26.15 3.71 -9.73
CMC HEM G . -22.57 2.98 -8.73
CAC HEM G . -24.62 5.60 -8.75
CBC HEM G . -23.43 6.19 -8.93
C1D HEM G . -28.43 4.08 -10.47
C2D HEM G . -29.63 4.89 -10.59
C3D HEM G . -30.56 4.17 -11.19
C4D HEM G . -30.00 2.87 -11.49
CMD HEM G . -29.76 6.33 -10.08
CAD HEM G . -32.00 4.64 -11.55
CBD HEM G . -31.93 5.59 -12.76
CGD HEM G . -33.27 5.93 -13.40
O1D HEM G . -33.29 6.85 -14.28
O2D HEM G . -34.31 5.31 -13.06
NA HEM G . -28.91 0.14 -11.94
NB HEM G . -26.28 -0.36 -11.03
NC HEM G . -26.09 2.37 -10.04
ND HEM G . -28.69 2.86 -11.04
FE HEM G . -27.43 1.32 -11.20
S SO4 H . -17.62 -23.25 -15.61
O1 SO4 H . -16.46 -22.38 -15.46
O2 SO4 H . -17.32 -24.28 -16.61
O3 SO4 H . -17.95 -23.87 -14.33
O4 SO4 H . -18.77 -22.46 -16.04
S1 DTV I . -30.08 -1.73 -8.49
C1 DTV I . -31.85 -1.87 -8.19
C2 DTV I . -32.55 -0.91 -9.14
O2 DTV I . -33.51 -1.56 -9.89
C3 DTV I . -33.31 0.18 -8.34
O3 DTV I . -33.61 1.11 -9.32
C4 DTV I . -32.39 0.80 -7.25
S4 DTV I . -31.74 2.38 -7.89
#